data_2WKS
#
_entry.id   2WKS
#
_cell.length_a   157.850
_cell.length_b   157.850
_cell.length_c   99.780
_cell.angle_alpha   90.00
_cell.angle_beta   90.00
_cell.angle_gamma   90.00
#
_symmetry.space_group_name_H-M   'I 41'
#
loop_
_entity.id
_entity.type
_entity.pdbx_description
1 polymer '3-DEHYDROQUINATE DEHYDRATASE'
2 non-polymer '(1R,4S,5R)-1,4,5-trihydroxy-3-[(5-methyl-1-benzothiophen-2-yl)methoxy]cyclohex-2-ene-1-carboxylic acid'
3 water water
#
_entity_poly.entity_id   1
_entity_poly.type   'polypeptide(L)'
_entity_poly.pdbx_seq_one_letter_code
;MKILVIQGPNLNMLGHRDPRLYGMVTLDQIHEIMQTFVKQGNLDVELEFFQTNFEGEIIDKIQESVGSDYEGIIINPGAF
SHTSIAIADAIMLAGKPVIEVHLTNIQAREEFRKNSYTGAACGGVIMGFGPLGYNMALMAMVNILAEMKAFQEAQKNNPN
NPINNQK
;
_entity_poly.pdbx_strand_id   A,B,C,D,E,F
#
# COMPACT_ATOMS: atom_id res chain seq x y z
N MET A 1 -38.50 30.34 11.74
CA MET A 1 -38.02 28.92 11.76
C MET A 1 -36.76 28.78 10.90
N LYS A 2 -35.62 28.76 11.59
CA LYS A 2 -34.30 28.75 10.96
C LYS A 2 -33.69 27.36 10.74
N ILE A 3 -33.30 27.09 9.49
CA ILE A 3 -32.57 25.87 9.13
C ILE A 3 -31.12 26.20 8.72
N LEU A 4 -30.17 25.51 9.33
CA LEU A 4 -28.76 25.68 9.00
C LEU A 4 -28.33 24.65 7.98
N VAL A 5 -27.86 25.12 6.83
CA VAL A 5 -27.36 24.23 5.78
C VAL A 5 -25.83 24.26 5.82
N ILE A 6 -25.22 23.12 6.15
CA ILE A 6 -23.76 23.00 6.19
C ILE A 6 -23.20 22.19 5.04
N GLN A 7 -22.28 22.80 4.32
CA GLN A 7 -21.66 22.20 3.14
C GLN A 7 -20.19 21.94 3.40
N GLY A 8 -19.80 20.68 3.34
CA GLY A 8 -18.43 20.28 3.66
C GLY A 8 -17.37 20.55 2.60
N PRO A 9 -16.19 19.95 2.76
CA PRO A 9 -15.06 20.27 1.91
C PRO A 9 -15.33 20.07 0.42
N ASN A 10 -14.75 20.94 -0.40
CA ASN A 10 -14.77 20.83 -1.87
C ASN A 10 -16.07 21.12 -2.56
N LEU A 11 -17.16 21.23 -1.81
CA LEU A 11 -18.46 21.48 -2.41
C LEU A 11 -18.59 22.87 -3.01
N ASN A 12 -17.76 23.81 -2.54
CA ASN A 12 -17.68 25.13 -3.14
C ASN A 12 -17.06 25.08 -4.54
N MET A 13 -16.41 23.98 -4.90
CA MET A 13 -15.82 23.86 -6.25
C MET A 13 -16.82 23.35 -7.28
N LEU A 14 -18.01 23.02 -6.82
CA LEU A 14 -19.01 22.46 -7.71
C LEU A 14 -19.23 23.29 -8.95
N GLY A 15 -19.45 22.56 -10.05
CA GLY A 15 -19.99 23.12 -11.28
C GLY A 15 -19.02 23.96 -12.09
N HIS A 16 -18.23 24.79 -11.39
CA HIS A 16 -17.24 25.74 -11.97
C HIS A 16 -16.28 25.13 -12.98
N ARG A 17 -15.89 23.87 -12.71
CA ARG A 17 -15.01 23.09 -13.60
C ARG A 17 -15.75 22.07 -14.51
N ASP A 18 -17.07 22.01 -14.36
CA ASP A 18 -17.98 20.90 -14.83
C ASP A 18 -17.44 19.44 -14.64
N PRO A 19 -16.76 19.18 -13.49
CA PRO A 19 -15.92 17.98 -13.34
C PRO A 19 -16.69 16.62 -13.26
N ARG A 20 -17.69 16.50 -14.15
CA ARG A 20 -18.38 15.24 -14.54
C ARG A 20 -19.31 14.57 -13.49
N LEU A 21 -18.71 13.99 -12.43
CA LEU A 21 -19.39 13.15 -11.39
C LEU A 21 -20.53 13.86 -10.62
N TYR A 22 -20.26 15.11 -10.22
CA TYR A 22 -21.10 15.91 -9.33
C TYR A 22 -22.06 16.84 -10.13
N GLY A 23 -21.67 17.19 -11.36
CA GLY A 23 -22.50 17.98 -12.29
C GLY A 23 -22.07 19.39 -12.67
N MET A 24 -23.08 20.17 -13.07
CA MET A 24 -22.91 21.49 -13.71
C MET A 24 -23.37 22.65 -12.84
N VAL A 25 -24.13 22.34 -11.80
CA VAL A 25 -24.76 23.33 -10.94
C VAL A 25 -23.77 23.80 -9.89
N THR A 26 -23.69 25.11 -9.66
CA THR A 26 -22.78 25.63 -8.62
C THR A 26 -23.41 25.55 -7.23
N LEU A 27 -22.59 25.72 -6.20
CA LEU A 27 -23.10 25.68 -4.84
C LEU A 27 -24.10 26.80 -4.59
N ASP A 28 -23.81 28.01 -5.08
CA ASP A 28 -24.76 29.12 -5.00
C ASP A 28 -26.07 28.76 -5.67
N GLN A 29 -25.99 28.18 -6.86
CA GLN A 29 -27.18 27.73 -7.57
C GLN A 29 -27.97 26.70 -6.76
N ILE A 30 -27.29 25.80 -6.04
CA ILE A 30 -27.97 24.85 -5.19
C ILE A 30 -28.71 25.64 -4.11
N HIS A 31 -28.05 26.63 -3.53
CA HIS A 31 -28.69 27.44 -2.50
C HIS A 31 -29.85 28.29 -3.02
N GLU A 32 -29.76 28.81 -4.24
CA GLU A 32 -30.88 29.50 -4.84
C GLU A 32 -32.07 28.53 -5.02
N ILE A 33 -31.82 27.36 -5.61
CA ILE A 33 -32.83 26.31 -5.74
C ILE A 33 -33.56 26.04 -4.41
N MET A 34 -32.83 26.10 -3.30
CA MET A 34 -33.41 25.88 -1.97
C MET A 34 -34.39 26.98 -1.56
N GLN A 35 -33.98 28.24 -1.73
CA GLN A 35 -34.83 29.42 -1.48
C GLN A 35 -36.10 29.37 -2.32
N THR A 36 -35.91 29.15 -3.62
CA THR A 36 -36.97 28.96 -4.56
C THR A 36 -37.95 27.92 -4.02
N PHE A 37 -37.46 26.76 -3.59
CA PHE A 37 -38.36 25.74 -3.03
C PHE A 37 -39.11 26.26 -1.79
N VAL A 38 -38.43 27.05 -0.96
CA VAL A 38 -39.02 27.60 0.25
C VAL A 38 -40.17 28.58 -0.06
N LYS A 39 -39.95 29.47 -1.02
CA LYS A 39 -41.02 30.39 -1.46
C LYS A 39 -42.17 29.65 -2.18
N GLN A 40 -41.86 28.92 -3.24
CA GLN A 40 -42.87 28.17 -4.00
C GLN A 40 -43.71 27.16 -3.21
N GLY A 41 -43.53 27.13 -1.91
CA GLY A 41 -44.29 26.24 -1.06
C GLY A 41 -44.79 27.02 0.12
N ASN A 42 -44.33 28.28 0.19
CA ASN A 42 -44.71 29.19 1.25
C ASN A 42 -44.32 28.70 2.62
N LEU A 43 -43.32 27.83 2.65
CA LEU A 43 -42.84 27.22 3.87
C LEU A 43 -42.25 28.36 4.70
N ASP A 44 -42.38 28.21 6.01
CA ASP A 44 -42.07 29.26 6.96
C ASP A 44 -40.63 29.10 7.48
N VAL A 45 -39.67 29.27 6.57
CA VAL A 45 -38.30 28.87 6.84
C VAL A 45 -37.26 29.90 6.38
N GLU A 46 -36.37 30.32 7.28
CA GLU A 46 -35.22 31.15 6.89
C GLU A 46 -33.98 30.28 6.90
N LEU A 47 -33.24 30.28 5.78
CA LEU A 47 -32.08 29.42 5.62
C LEU A 47 -30.81 30.21 5.91
N GLU A 48 -29.86 29.61 6.61
CA GLU A 48 -28.50 30.17 6.73
C GLU A 48 -27.60 29.15 6.05
N PHE A 49 -26.81 29.59 5.07
CA PHE A 49 -25.92 28.68 4.34
C PHE A 49 -24.49 28.83 4.81
N PHE A 50 -23.78 27.72 4.95
CA PHE A 50 -22.38 27.75 5.38
C PHE A 50 -21.58 26.67 4.70
N GLN A 51 -20.47 27.05 4.08
CA GLN A 51 -19.57 26.08 3.44
C GLN A 51 -18.17 26.22 4.02
N THR A 52 -17.53 25.10 4.32
CA THR A 52 -16.17 25.12 4.82
C THR A 52 -15.37 23.92 4.39
N ASN A 53 -14.06 24.05 4.37
CA ASN A 53 -13.21 22.90 4.12
C ASN A 53 -12.58 22.37 5.42
N PHE A 54 -12.96 22.97 6.54
CA PHE A 54 -12.39 22.60 7.82
C PHE A 54 -13.33 21.72 8.66
N GLU A 55 -12.87 20.53 9.00
CA GLU A 55 -13.61 19.69 9.92
C GLU A 55 -14.00 20.51 11.14
N GLY A 56 -13.06 21.30 11.65
CA GLY A 56 -13.27 22.06 12.88
C GLY A 56 -14.34 23.11 12.74
N GLU A 57 -14.45 23.71 11.56
CA GLU A 57 -15.51 24.68 11.34
C GLU A 57 -16.90 24.05 11.28
N ILE A 58 -17.02 22.89 10.64
CA ILE A 58 -18.28 22.14 10.70
C ILE A 58 -18.69 21.88 12.15
N ILE A 59 -17.77 21.37 12.98
CA ILE A 59 -18.08 21.11 14.38
C ILE A 59 -18.47 22.42 15.08
N ASP A 60 -17.67 23.48 14.89
CA ASP A 60 -17.95 24.76 15.51
C ASP A 60 -19.38 25.17 15.19
N LYS A 61 -19.77 25.05 13.92
CA LYS A 61 -21.07 25.52 13.49
C LYS A 61 -22.20 24.68 14.09
N ILE A 62 -22.05 23.36 14.06
CA ILE A 62 -23.03 22.50 14.72
C ILE A 62 -23.18 22.92 16.17
N GLN A 63 -22.08 23.15 16.86
CA GLN A 63 -22.12 23.59 18.26
C GLN A 63 -22.83 24.93 18.44
N GLU A 64 -22.52 25.90 17.59
CA GLU A 64 -23.14 27.23 17.66
C GLU A 64 -24.64 27.22 17.39
N SER A 65 -25.13 26.15 16.77
CA SER A 65 -26.55 26.00 16.59
C SER A 65 -27.28 25.61 17.90
N VAL A 66 -26.55 25.11 18.90
CA VAL A 66 -27.17 24.49 20.08
C VAL A 66 -27.92 25.49 20.93
N GLY A 67 -27.22 26.48 21.44
CA GLY A 67 -27.90 27.56 22.17
C GLY A 67 -28.93 28.37 21.38
N SER A 68 -28.81 28.41 20.04
CA SER A 68 -29.58 29.36 19.26
C SER A 68 -31.01 28.92 18.93
N ASP A 69 -31.66 29.78 18.16
CA ASP A 69 -32.98 29.59 17.57
C ASP A 69 -32.88 28.91 16.20
N TYR A 70 -31.92 27.99 16.07
CA TYR A 70 -31.82 27.10 14.92
C TYR A 70 -32.61 25.85 15.23
N GLU A 71 -33.56 25.52 14.36
CA GLU A 71 -34.50 24.41 14.59
C GLU A 71 -33.97 23.06 14.13
N GLY A 72 -33.18 23.06 13.06
CA GLY A 72 -32.61 21.85 12.47
C GLY A 72 -31.43 22.11 11.56
N ILE A 73 -30.71 21.04 11.20
CA ILE A 73 -29.56 21.12 10.29
C ILE A 73 -29.67 20.18 9.09
N ILE A 74 -29.37 20.70 7.91
CA ILE A 74 -29.18 19.89 6.71
C ILE A 74 -27.70 19.95 6.39
N ILE A 75 -27.07 18.80 6.23
CA ILE A 75 -25.62 18.77 6.10
C ILE A 75 -25.11 17.78 5.07
N ASN A 76 -24.18 18.25 4.27
CA ASN A 76 -23.47 17.37 3.40
C ASN A 76 -22.02 17.47 3.80
N PRO A 77 -21.53 16.54 4.65
CA PRO A 77 -20.19 16.64 5.19
C PRO A 77 -19.12 16.32 4.17
N GLY A 78 -19.50 15.98 2.94
CA GLY A 78 -18.53 15.65 1.89
C GLY A 78 -17.63 14.51 2.32
N ALA A 79 -16.38 14.54 1.89
CA ALA A 79 -15.48 13.44 2.18
C ALA A 79 -15.31 13.19 3.68
N PHE A 80 -15.70 14.13 4.54
CA PHE A 80 -15.62 13.89 5.98
C PHE A 80 -16.67 12.89 6.48
N SER A 81 -17.71 12.67 5.69
CA SER A 81 -18.73 11.72 6.08
C SER A 81 -18.08 10.42 6.45
N HIS A 82 -17.06 10.03 5.70
CA HIS A 82 -16.51 8.69 5.79
C HIS A 82 -15.48 8.54 6.87
N THR A 83 -14.91 9.65 7.30
CA THR A 83 -13.76 9.62 8.19
C THR A 83 -14.02 10.27 9.55
N SER A 84 -14.99 11.18 9.64
CA SER A 84 -15.06 12.05 10.81
C SER A 84 -15.97 11.58 11.94
N ILE A 85 -15.39 10.81 12.86
CA ILE A 85 -16.07 10.50 14.12
C ILE A 85 -16.39 11.78 14.88
N ALA A 86 -15.47 12.74 14.85
CA ALA A 86 -15.66 14.03 15.52
C ALA A 86 -16.96 14.78 15.08
N ILE A 87 -17.20 14.88 13.77
CA ILE A 87 -18.43 15.50 13.30
C ILE A 87 -19.61 14.62 13.70
N ALA A 88 -19.42 13.31 13.67
CA ALA A 88 -20.47 12.40 14.05
C ALA A 88 -20.88 12.70 15.48
N ASP A 89 -19.92 12.85 16.38
CA ASP A 89 -20.23 13.15 17.78
C ASP A 89 -20.95 14.49 17.90
N ALA A 90 -20.45 15.50 17.21
CA ALA A 90 -21.11 16.80 17.20
C ALA A 90 -22.58 16.66 16.80
N ILE A 91 -22.87 15.89 15.75
CA ILE A 91 -24.25 15.66 15.32
C ILE A 91 -25.08 14.99 16.40
N MET A 92 -24.52 14.01 17.08
CA MET A 92 -25.25 13.37 18.17
C MET A 92 -25.57 14.31 19.32
N LEU A 93 -24.70 15.29 19.59
CA LEU A 93 -24.99 16.23 20.67
C LEU A 93 -25.75 17.50 20.25
N ALA A 94 -26.16 17.58 18.98
CA ALA A 94 -26.85 18.78 18.49
C ALA A 94 -28.24 18.94 19.11
N GLY A 95 -28.80 17.82 19.57
CA GLY A 95 -30.14 17.75 20.14
C GLY A 95 -31.15 18.49 19.28
N LYS A 96 -31.13 18.25 17.98
CA LYS A 96 -32.14 18.77 17.06
C LYS A 96 -31.98 17.97 15.78
N PRO A 97 -33.00 17.95 14.91
CA PRO A 97 -32.93 17.08 13.73
C PRO A 97 -31.77 17.41 12.78
N VAL A 98 -31.00 16.40 12.43
CA VAL A 98 -29.96 16.58 11.44
C VAL A 98 -30.24 15.64 10.29
N ILE A 99 -30.22 16.17 9.07
CA ILE A 99 -30.39 15.34 7.87
C ILE A 99 -29.16 15.44 6.98
N GLU A 100 -28.63 14.29 6.60
CA GLU A 100 -27.44 14.24 5.76
C GLU A 100 -27.82 14.08 4.29
N VAL A 101 -27.21 14.91 3.43
CA VAL A 101 -27.48 14.85 1.99
C VAL A 101 -26.18 14.54 1.26
N HIS A 102 -26.27 13.76 0.20
CA HIS A 102 -25.20 13.60 -0.75
C HIS A 102 -25.74 13.73 -2.16
N LEU A 103 -25.05 14.52 -2.96
CA LEU A 103 -25.30 14.61 -4.38
C LEU A 103 -25.24 13.24 -5.04
N THR A 104 -24.15 12.51 -4.83
CA THR A 104 -23.96 11.26 -5.54
C THR A 104 -24.42 10.08 -4.67
N ASN A 105 -24.64 8.91 -5.26
CA ASN A 105 -25.02 7.72 -4.49
C ASN A 105 -23.78 7.07 -3.89
N ILE A 106 -23.45 7.40 -2.63
CA ILE A 106 -22.20 6.90 -2.04
C ILE A 106 -22.13 5.38 -1.84
N GLN A 107 -23.28 4.72 -1.97
CA GLN A 107 -23.32 3.25 -2.01
C GLN A 107 -22.65 2.73 -3.27
N ALA A 108 -22.67 3.52 -4.33
CA ALA A 108 -22.28 3.02 -5.65
C ALA A 108 -20.89 3.46 -6.04
N ARG A 109 -20.07 3.86 -5.07
CA ARG A 109 -18.73 4.34 -5.40
C ARG A 109 -17.70 3.45 -4.70
N GLU A 110 -16.46 3.92 -4.59
CA GLU A 110 -15.39 3.16 -3.94
C GLU A 110 -15.79 2.65 -2.56
N GLU A 111 -15.14 1.59 -2.11
CA GLU A 111 -15.40 1.01 -0.80
C GLU A 111 -15.25 2.05 0.31
N PHE A 112 -14.19 2.85 0.24
CA PHE A 112 -13.91 3.84 1.28
C PHE A 112 -14.97 4.94 1.44
N ARG A 113 -15.91 5.03 0.49
CA ARG A 113 -17.00 6.02 0.53
C ARG A 113 -18.35 5.46 0.99
N LYS A 114 -18.45 4.15 1.16
CA LYS A 114 -19.72 3.51 1.50
C LYS A 114 -20.12 3.78 2.93
N ASN A 115 -19.16 3.67 3.85
CA ASN A 115 -19.31 4.08 5.27
C ASN A 115 -19.64 5.58 5.40
N SER A 116 -20.63 5.90 6.24
CA SER A 116 -20.80 7.28 6.66
C SER A 116 -20.98 7.40 8.16
N TYR A 117 -19.91 7.77 8.88
CA TYR A 117 -19.99 7.95 10.33
C TYR A 117 -21.05 8.96 10.67
N THR A 118 -20.99 10.09 9.96
CA THR A 118 -21.88 11.21 10.16
C THR A 118 -23.32 10.79 9.85
N GLY A 119 -23.52 10.07 8.76
CA GLY A 119 -24.85 9.62 8.38
C GLY A 119 -25.51 8.74 9.41
N ALA A 120 -24.73 7.92 10.11
CA ALA A 120 -25.25 7.04 11.15
C ALA A 120 -25.76 7.88 12.33
N ALA A 121 -25.12 9.03 12.56
CA ALA A 121 -25.50 9.92 13.65
C ALA A 121 -26.70 10.79 13.31
N CYS A 122 -27.00 10.91 12.02
CA CYS A 122 -28.19 11.66 11.60
C CYS A 122 -29.49 10.84 11.69
N GLY A 123 -30.62 11.56 11.74
CA GLY A 123 -31.91 10.92 11.74
C GLY A 123 -32.12 10.21 10.41
N GLY A 124 -31.68 10.83 9.33
CA GLY A 124 -31.90 10.29 8.00
C GLY A 124 -30.85 10.74 7.00
N VAL A 125 -30.81 10.05 5.87
CA VAL A 125 -29.76 10.30 4.92
C VAL A 125 -30.41 10.24 3.55
N ILE A 126 -29.98 11.15 2.69
CA ILE A 126 -30.48 11.20 1.32
C ILE A 126 -29.26 11.16 0.41
N MET A 127 -29.25 10.23 -0.52
CA MET A 127 -28.13 10.19 -1.43
C MET A 127 -28.53 9.93 -2.87
N GLY A 128 -27.87 10.63 -3.76
CA GLY A 128 -27.83 10.26 -5.14
C GLY A 128 -28.82 11.00 -5.98
N PHE A 129 -29.36 12.12 -5.52
CA PHE A 129 -30.40 12.77 -6.30
C PHE A 129 -29.93 14.10 -6.87
N GLY A 130 -28.63 14.34 -6.89
CA GLY A 130 -28.10 15.62 -7.32
C GLY A 130 -28.60 16.70 -6.39
N PRO A 131 -28.56 17.98 -6.81
CA PRO A 131 -29.06 19.10 -5.97
C PRO A 131 -30.49 18.91 -5.44
N LEU A 132 -31.31 18.14 -6.17
CA LEU A 132 -32.70 17.88 -5.77
C LEU A 132 -32.75 17.34 -4.34
N GLY A 133 -31.74 16.56 -3.97
CA GLY A 133 -31.65 15.93 -2.66
C GLY A 133 -31.79 16.94 -1.53
N TYR A 134 -31.34 18.17 -1.78
CA TYR A 134 -31.40 19.20 -0.75
C TYR A 134 -32.83 19.67 -0.52
N ASN A 135 -33.62 19.74 -1.59
CA ASN A 135 -35.03 20.12 -1.43
C ASN A 135 -35.81 19.02 -0.74
N MET A 136 -35.45 17.78 -1.05
CA MET A 136 -36.01 16.62 -0.35
C MET A 136 -35.68 16.72 1.13
N ALA A 137 -34.49 17.22 1.44
CA ALA A 137 -34.10 17.44 2.82
C ALA A 137 -34.98 18.52 3.46
N LEU A 138 -35.18 19.63 2.75
CA LEU A 138 -36.12 20.67 3.17
C LEU A 138 -37.51 20.14 3.39
N MET A 139 -38.04 19.40 2.42
CA MET A 139 -39.37 18.84 2.65
C MET A 139 -39.40 18.07 3.98
N ALA A 140 -38.43 17.17 4.16
CA ALA A 140 -38.43 16.27 5.31
C ALA A 140 -38.25 17.03 6.60
N MET A 141 -37.38 18.04 6.56
CA MET A 141 -37.12 18.86 7.74
C MET A 141 -38.40 19.57 8.22
N VAL A 142 -39.11 20.17 7.27
CA VAL A 142 -40.36 20.84 7.54
C VAL A 142 -41.38 19.89 8.15
N ASN A 143 -41.46 18.69 7.63
CA ASN A 143 -42.36 17.70 8.19
C ASN A 143 -41.96 17.22 9.57
N ILE A 144 -40.65 17.06 9.79
CA ILE A 144 -40.14 16.54 11.04
C ILE A 144 -40.42 17.57 12.12
N LEU A 145 -40.23 18.84 11.76
CA LEU A 145 -40.45 19.96 12.68
C LEU A 145 -41.93 20.14 12.97
N ALA A 146 -42.76 20.17 11.92
CA ALA A 146 -44.22 20.14 12.06
C ALA A 146 -44.64 19.08 13.07
N GLU A 147 -44.11 17.88 12.92
CA GLU A 147 -44.56 16.76 13.72
C GLU A 147 -44.06 16.88 15.16
N MET A 148 -42.91 17.53 15.34
CA MET A 148 -42.33 17.71 16.67
C MET A 148 -43.18 18.67 17.49
N LYS A 149 -43.69 19.70 16.82
CA LYS A 149 -44.45 20.77 17.46
C LYS A 149 -45.92 20.44 17.56
N ALA A 150 -46.41 19.59 16.65
CA ALA A 150 -47.76 19.05 16.74
C ALA A 150 -47.92 18.34 18.07
N PHE A 151 -47.00 17.41 18.35
CA PHE A 151 -46.99 16.62 19.59
C PHE A 151 -46.89 17.45 20.88
N GLN A 152 -46.08 18.50 20.87
CA GLN A 152 -46.05 19.50 21.95
C GLN A 152 -47.48 19.85 22.48
N GLU A 153 -48.35 20.34 21.59
CA GLU A 153 -49.73 20.75 21.94
C GLU A 153 -50.58 19.61 22.48
N MET B 1 5.94 31.11 -14.86
CA MET B 1 5.49 29.70 -14.60
C MET B 1 5.58 29.35 -13.09
N LYS B 2 4.41 29.46 -12.43
CA LYS B 2 4.31 29.28 -10.97
C LYS B 2 4.01 27.85 -10.50
N ILE B 3 4.84 27.32 -9.60
CA ILE B 3 4.60 26.05 -8.93
C ILE B 3 4.31 26.29 -7.44
N LEU B 4 3.22 25.70 -6.96
CA LEU B 4 2.87 25.81 -5.56
C LEU B 4 3.40 24.58 -4.84
N VAL B 5 4.19 24.83 -3.80
CA VAL B 5 4.69 23.75 -2.97
C VAL B 5 3.93 23.73 -1.64
N ILE B 6 3.19 22.64 -1.41
CA ILE B 6 2.41 22.49 -0.18
C ILE B 6 3.05 21.48 0.76
N GLN B 7 3.28 21.92 1.99
CA GLN B 7 3.88 21.09 3.02
C GLN B 7 2.89 20.82 4.15
N GLY B 8 2.58 19.55 4.39
CA GLY B 8 1.57 19.16 5.37
C GLY B 8 2.01 19.20 6.82
N PRO B 9 1.20 18.62 7.71
CA PRO B 9 1.40 18.77 9.12
C PRO B 9 2.78 18.27 9.61
N ASN B 10 3.35 19.01 10.55
CA ASN B 10 4.57 18.61 11.22
C ASN B 10 5.84 18.82 10.45
N LEU B 11 5.75 19.12 9.16
CA LEU B 11 6.95 19.23 8.37
C LEU B 11 7.75 20.46 8.77
N ASN B 12 7.07 21.45 9.31
CA ASN B 12 7.75 22.63 9.84
C ASN B 12 8.63 22.32 11.04
N MET B 13 8.48 21.16 11.63
CA MET B 13 9.33 20.82 12.77
C MET B 13 10.62 20.15 12.33
N LEU B 14 10.76 19.94 11.03
CA LEU B 14 11.90 19.22 10.53
C LEU B 14 13.23 19.77 11.01
N GLY B 15 14.14 18.84 11.29
CA GLY B 15 15.54 19.16 11.48
C GLY B 15 15.89 19.84 12.79
N HIS B 16 15.06 20.81 13.21
CA HIS B 16 15.26 21.57 14.46
C HIS B 16 15.55 20.73 15.70
N ARG B 17 14.93 19.54 15.75
CA ARG B 17 15.14 18.57 16.87
C ARG B 17 16.16 17.42 16.56
N ASP B 18 16.64 17.40 15.30
CA ASP B 18 17.32 16.24 14.59
C ASP B 18 16.67 14.86 14.83
N PRO B 19 15.28 14.80 14.81
CA PRO B 19 14.54 13.65 15.37
C PRO B 19 14.67 12.33 14.55
N ARG B 20 15.91 12.05 14.09
CA ARG B 20 16.39 10.76 13.50
C ARG B 20 15.84 10.34 12.10
N LEU B 21 14.54 9.98 12.06
CA LEU B 21 13.83 9.36 10.88
C LEU B 21 13.83 10.23 9.59
N TYR B 22 13.54 11.53 9.78
CA TYR B 22 13.32 12.49 8.69
C TYR B 22 14.60 13.28 8.36
N GLY B 23 15.52 13.41 9.34
CA GLY B 23 16.84 14.04 9.16
C GLY B 23 17.21 15.34 9.90
N MET B 24 18.16 16.05 9.30
CA MET B 24 18.83 17.21 9.88
C MET B 24 18.49 18.53 9.18
N VAL B 25 17.90 18.42 8.00
CA VAL B 25 17.60 19.56 7.16
C VAL B 25 16.31 20.18 7.63
N THR B 26 16.25 21.50 7.71
CA THR B 26 15.00 22.17 8.06
C THR B 26 14.12 22.40 6.84
N LEU B 27 12.87 22.77 7.08
CA LEU B 27 11.96 22.98 5.98
C LEU B 27 12.41 24.17 5.12
N ASP B 28 12.95 25.22 5.74
CA ASP B 28 13.47 26.37 4.99
C ASP B 28 14.60 25.93 4.09
N GLN B 29 15.50 25.12 4.66
CA GLN B 29 16.60 24.55 3.91
C GLN B 29 16.14 23.69 2.75
N ILE B 30 15.01 22.99 2.88
CA ILE B 30 14.45 22.23 1.77
C ILE B 30 14.02 23.20 0.68
N HIS B 31 13.40 24.29 1.10
CA HIS B 31 12.96 25.31 0.14
C HIS B 31 14.10 26.05 -0.54
N GLU B 32 15.18 26.34 0.19
CA GLU B 32 16.37 26.93 -0.44
C GLU B 32 16.94 25.99 -1.50
N ILE B 33 17.16 24.72 -1.13
CA ILE B 33 17.56 23.65 -2.06
C ILE B 33 16.73 23.65 -3.34
N MET B 34 15.43 23.92 -3.22
CA MET B 34 14.59 23.95 -4.40
C MET B 34 14.91 25.15 -5.28
N GLN B 35 15.05 26.35 -4.66
CA GLN B 35 15.37 27.57 -5.41
C GLN B 35 16.69 27.38 -6.14
N THR B 36 17.70 26.91 -5.39
CA THR B 36 19.02 26.58 -5.92
C THR B 36 18.91 25.70 -7.15
N PHE B 37 18.15 24.61 -7.06
CA PHE B 37 17.90 23.75 -8.22
C PHE B 37 17.30 24.51 -9.42
N VAL B 38 16.35 25.41 -9.14
CA VAL B 38 15.68 26.19 -10.17
C VAL B 38 16.66 27.12 -10.88
N LYS B 39 17.55 27.76 -10.11
CA LYS B 39 18.55 28.63 -10.72
C LYS B 39 19.60 27.83 -11.47
N GLN B 40 20.22 26.87 -10.80
CA GLN B 40 21.26 26.01 -11.40
C GLN B 40 20.84 25.22 -12.65
N GLY B 41 19.60 25.37 -13.07
CA GLY B 41 19.14 24.70 -14.28
C GLY B 41 18.49 25.70 -15.19
N ASN B 42 18.42 26.95 -14.73
CA ASN B 42 17.81 28.07 -15.47
C ASN B 42 16.36 27.84 -15.82
N LEU B 43 15.70 26.99 -15.03
CA LEU B 43 14.32 26.60 -15.26
C LEU B 43 13.48 27.83 -15.02
N ASP B 44 12.41 27.94 -15.80
CA ASP B 44 11.62 29.15 -15.84
C ASP B 44 10.45 29.04 -14.83
N VAL B 45 10.80 29.05 -13.54
CA VAL B 45 9.84 28.71 -12.48
C VAL B 45 9.89 29.62 -11.26
N GLU B 46 8.75 30.17 -10.87
CA GLU B 46 8.66 30.89 -9.58
C GLU B 46 7.91 30.00 -8.60
N LEU B 47 8.51 29.78 -7.43
CA LEU B 47 7.93 28.90 -6.42
C LEU B 47 7.16 29.68 -5.36
N GLU B 48 5.98 29.21 -4.98
CA GLU B 48 5.33 29.73 -3.78
C GLU B 48 5.36 28.60 -2.78
N PHE B 49 5.88 28.85 -1.58
CA PHE B 49 5.90 27.81 -0.56
C PHE B 49 4.80 27.96 0.49
N PHE B 50 4.19 26.86 0.92
CA PHE B 50 3.15 26.94 1.95
C PHE B 50 3.19 25.73 2.84
N GLN B 51 3.18 25.96 4.15
CA GLN B 51 3.15 24.87 5.13
C GLN B 51 2.02 25.08 6.10
N THR B 52 1.29 24.01 6.39
CA THR B 52 0.20 24.07 7.35
C THR B 52 0.00 22.76 8.10
N ASN B 53 -0.58 22.87 9.29
CA ASN B 53 -1.01 21.71 10.04
C ASN B 53 -2.52 21.43 9.91
N PHE B 54 -3.22 22.26 9.14
CA PHE B 54 -4.64 22.11 8.94
C PHE B 54 -4.99 21.44 7.59
N GLU B 55 -5.71 20.33 7.68
CA GLU B 55 -6.27 19.69 6.49
C GLU B 55 -7.01 20.72 5.65
N GLY B 56 -7.77 21.56 6.33
CA GLY B 56 -8.59 22.56 5.67
C GLY B 56 -7.78 23.59 4.93
N GLU B 57 -6.61 23.94 5.46
CA GLU B 57 -5.79 24.92 4.76
C GLU B 57 -5.17 24.32 3.49
N ILE B 58 -4.77 23.05 3.56
CA ILE B 58 -4.30 22.37 2.36
C ILE B 58 -5.39 22.40 1.28
N ILE B 59 -6.63 22.10 1.65
CA ILE B 59 -7.72 22.08 0.69
C ILE B 59 -7.94 23.50 0.17
N ASP B 60 -8.01 24.46 1.09
CA ASP B 60 -8.16 25.84 0.68
C ASP B 60 -7.14 26.21 -0.37
N LYS B 61 -5.87 25.90 -0.11
CA LYS B 61 -4.79 26.31 -1.00
C LYS B 61 -4.87 25.63 -2.35
N ILE B 62 -5.15 24.32 -2.37
CA ILE B 62 -5.36 23.61 -3.62
C ILE B 62 -6.46 24.31 -4.43
N GLN B 63 -7.57 24.64 -3.78
CA GLN B 63 -8.69 25.32 -4.43
C GLN B 63 -8.29 26.71 -4.97
N GLU B 64 -7.55 27.47 -4.18
CA GLU B 64 -7.10 28.81 -4.59
C GLU B 64 -6.15 28.78 -5.78
N SER B 65 -5.52 27.65 -6.01
CA SER B 65 -4.71 27.47 -7.22
C SER B 65 -5.54 27.36 -8.52
N VAL B 66 -6.84 27.02 -8.39
CA VAL B 66 -7.65 26.67 -9.58
C VAL B 66 -7.84 27.84 -10.52
N GLY B 67 -8.46 28.91 -10.04
CA GLY B 67 -8.61 30.13 -10.83
C GLY B 67 -7.29 30.79 -11.25
N SER B 68 -6.21 30.53 -10.52
CA SER B 68 -5.00 31.34 -10.72
C SER B 68 -4.08 30.85 -11.85
N ASP B 69 -2.97 31.59 -11.96
CA ASP B 69 -1.87 31.34 -12.87
C ASP B 69 -0.84 30.40 -12.18
N TYR B 70 -1.35 29.43 -11.42
CA TYR B 70 -0.53 28.35 -10.87
C TYR B 70 -0.62 27.18 -11.81
N GLU B 71 0.54 26.76 -12.30
CA GLU B 71 0.62 25.74 -13.35
C GLU B 71 0.54 24.30 -12.82
N GLY B 72 1.05 24.09 -11.61
CA GLY B 72 1.12 22.76 -11.00
C GLY B 72 1.38 22.81 -9.50
N ILE B 73 1.18 21.67 -8.83
CA ILE B 73 1.41 21.58 -7.39
C ILE B 73 2.35 20.43 -7.03
N ILE B 74 3.30 20.71 -6.16
CA ILE B 74 4.10 19.66 -5.55
C ILE B 74 3.67 19.60 -4.10
N ILE B 75 3.28 18.42 -3.64
CA ILE B 75 2.69 18.33 -2.31
C ILE B 75 3.19 17.16 -1.50
N ASN B 76 3.51 17.43 -0.25
CA ASN B 76 3.77 16.39 0.71
C ASN B 76 2.73 16.56 1.79
N PRO B 77 1.68 15.71 1.76
CA PRO B 77 0.56 15.88 2.68
C PRO B 77 0.89 15.39 4.07
N GLY B 78 2.07 14.79 4.24
CA GLY B 78 2.45 14.24 5.53
C GLY B 78 1.43 13.21 6.01
N ALA B 79 1.19 13.16 7.31
CA ALA B 79 0.31 12.15 7.85
C ALA B 79 -1.09 12.16 7.23
N PHE B 80 -1.49 13.27 6.60
CA PHE B 80 -2.80 13.31 5.95
C PHE B 80 -2.89 12.43 4.69
N SER B 81 -1.75 11.99 4.20
CA SER B 81 -1.71 11.24 2.97
C SER B 81 -2.51 9.99 3.17
N HIS B 82 -2.46 9.46 4.38
CA HIS B 82 -3.00 8.14 4.66
C HIS B 82 -4.44 8.17 5.03
N THR B 83 -4.91 9.33 5.45
CA THR B 83 -6.22 9.46 6.05
C THR B 83 -7.18 10.35 5.25
N SER B 84 -6.66 11.29 4.45
CA SER B 84 -7.51 12.39 3.98
C SER B 84 -8.16 12.22 2.61
N ILE B 85 -9.33 11.62 2.58
CA ILE B 85 -10.07 11.54 1.34
C ILE B 85 -10.37 12.97 0.86
N ALA B 86 -10.64 13.88 1.79
CA ALA B 86 -10.96 15.25 1.43
C ALA B 86 -9.86 15.91 0.61
N ILE B 87 -8.59 15.75 1.01
CA ILE B 87 -7.49 16.34 0.23
C ILE B 87 -7.38 15.60 -1.09
N ALA B 88 -7.58 14.29 -1.06
CA ALA B 88 -7.56 13.49 -2.27
C ALA B 88 -8.57 14.07 -3.27
N ASP B 89 -9.78 14.39 -2.80
CA ASP B 89 -10.79 14.95 -3.71
C ASP B 89 -10.35 16.30 -4.27
N ALA B 90 -9.85 17.16 -3.39
CA ALA B 90 -9.32 18.46 -3.80
C ALA B 90 -8.27 18.31 -4.88
N ILE B 91 -7.36 17.36 -4.73
CA ILE B 91 -6.35 17.07 -5.76
C ILE B 91 -6.99 16.63 -7.08
N MET B 92 -8.03 15.81 -7.01
CA MET B 92 -8.69 15.38 -8.21
C MET B 92 -9.38 16.50 -8.97
N LEU B 93 -9.86 17.51 -8.26
CA LEU B 93 -10.50 18.63 -8.92
C LEU B 93 -9.57 19.80 -9.24
N ALA B 94 -8.27 19.64 -9.01
CA ALA B 94 -7.36 20.76 -9.21
C ALA B 94 -7.17 21.06 -10.70
N GLY B 95 -7.52 20.07 -11.53
CA GLY B 95 -7.30 20.12 -12.98
C GLY B 95 -5.96 20.72 -13.36
N LYS B 96 -4.89 20.24 -12.74
CA LYS B 96 -3.53 20.62 -13.12
C LYS B 96 -2.64 19.60 -12.44
N PRO B 97 -1.40 19.42 -12.93
CA PRO B 97 -0.53 18.35 -12.40
C PRO B 97 -0.26 18.47 -10.92
N VAL B 98 -0.51 17.39 -10.19
CA VAL B 98 -0.11 17.37 -8.80
C VAL B 98 0.85 16.20 -8.59
N ILE B 99 1.98 16.48 -7.92
CA ILE B 99 2.99 15.46 -7.62
C ILE B 99 3.17 15.35 -6.11
N GLU B 100 3.06 14.13 -5.60
CA GLU B 100 3.22 13.89 -4.17
C GLU B 100 4.66 13.50 -3.86
N VAL B 101 5.21 14.13 -2.81
CA VAL B 101 6.56 13.84 -2.34
C VAL B 101 6.50 13.36 -0.89
N HIS B 102 7.33 12.36 -0.57
CA HIS B 102 7.61 11.94 0.80
C HIS B 102 9.10 11.83 1.02
N LEU B 103 9.56 12.45 2.10
CA LEU B 103 10.93 12.29 2.54
C LEU B 103 11.24 10.80 2.74
N THR B 104 10.44 10.10 3.53
CA THR B 104 10.74 8.72 3.87
C THR B 104 10.01 7.73 2.95
N ASN B 105 10.50 6.49 2.86
CA ASN B 105 9.84 5.46 2.03
C ASN B 105 8.61 4.89 2.75
N ILE B 106 7.42 5.44 2.46
CA ILE B 106 6.23 5.07 3.20
C ILE B 106 5.79 3.63 2.98
N GLN B 107 6.32 3.00 1.93
CA GLN B 107 6.18 1.54 1.77
C GLN B 107 6.85 0.74 2.86
N ALA B 108 7.92 1.29 3.45
CA ALA B 108 8.74 0.54 4.38
C ALA B 108 8.45 0.91 5.85
N ARG B 109 7.30 1.49 6.15
CA ARG B 109 7.01 1.88 7.53
C ARG B 109 5.80 1.08 8.03
N GLU B 110 5.18 1.50 9.13
CA GLU B 110 3.94 0.87 9.65
C GLU B 110 2.87 0.63 8.56
N GLU B 111 2.03 -0.37 8.77
CA GLU B 111 0.93 -0.66 7.85
C GLU B 111 0.07 0.60 7.58
N PHE B 112 -0.28 1.32 8.66
CA PHE B 112 -1.15 2.50 8.54
C PHE B 112 -0.61 3.67 7.68
N ARG B 113 0.67 3.57 7.26
CA ARG B 113 1.37 4.58 6.42
C ARG B 113 1.57 4.14 4.98
N LYS B 114 1.25 2.90 4.65
CA LYS B 114 1.46 2.38 3.29
C LYS B 114 0.43 2.91 2.29
N ASN B 115 -0.84 2.94 2.70
CA ASN B 115 -1.92 3.62 1.95
C ASN B 115 -1.67 5.11 1.79
N SER B 116 -1.83 5.61 0.57
CA SER B 116 -1.89 7.06 0.36
C SER B 116 -3.08 7.48 -0.52
N TYR B 117 -4.15 7.96 0.11
CA TYR B 117 -5.34 8.40 -0.60
C TYR B 117 -4.95 9.48 -1.55
N THR B 118 -4.23 10.45 -1.00
CA THR B 118 -3.78 11.60 -1.75
C THR B 118 -2.87 11.18 -2.93
N GLY B 119 -1.94 10.26 -2.67
CA GLY B 119 -1.03 9.79 -3.70
C GLY B 119 -1.73 9.12 -4.88
N ALA B 120 -2.80 8.39 -4.60
CA ALA B 120 -3.56 7.77 -5.68
C ALA B 120 -4.23 8.82 -6.58
N ALA B 121 -4.58 9.98 -6.02
CA ALA B 121 -5.21 11.08 -6.78
C ALA B 121 -4.18 11.88 -7.58
N CYS B 122 -2.90 11.76 -7.21
CA CYS B 122 -1.84 12.48 -7.92
C CYS B 122 -1.40 11.76 -9.17
N GLY B 123 -0.81 12.50 -10.10
CA GLY B 123 -0.27 11.88 -11.28
C GLY B 123 0.84 10.92 -10.91
N GLY B 124 1.66 11.29 -9.93
CA GLY B 124 2.84 10.54 -9.60
C GLY B 124 3.27 10.74 -8.16
N VAL B 125 4.15 9.85 -7.69
CA VAL B 125 4.51 9.82 -6.29
C VAL B 125 5.98 9.53 -6.19
N ILE B 126 6.63 10.26 -5.30
CA ILE B 126 8.04 10.12 -5.08
C ILE B 126 8.20 9.91 -3.60
N MET B 127 8.88 8.82 -3.23
CA MET B 127 9.11 8.60 -1.83
C MET B 127 10.51 8.07 -1.55
N GLY B 128 11.04 8.53 -0.43
CA GLY B 128 12.17 7.90 0.19
C GLY B 128 13.49 8.51 -0.15
N PHE B 129 13.49 9.69 -0.76
CA PHE B 129 14.73 10.28 -1.22
C PHE B 129 15.19 11.48 -0.40
N GLY B 130 14.62 11.65 0.80
CA GLY B 130 14.91 12.82 1.62
C GLY B 130 14.56 14.07 0.85
N PRO B 131 15.17 15.24 1.18
CA PRO B 131 14.86 16.50 0.49
C PRO B 131 15.06 16.43 -1.02
N LEU B 132 15.99 15.60 -1.47
CA LEU B 132 16.23 15.43 -2.89
C LEU B 132 14.95 15.13 -3.65
N GLY B 133 14.02 14.41 -3.02
CA GLY B 133 12.76 14.09 -3.66
C GLY B 133 12.00 15.30 -4.20
N TYR B 134 12.11 16.43 -3.51
CA TYR B 134 11.47 17.65 -3.98
C TYR B 134 12.04 18.15 -5.31
N ASN B 135 13.36 18.03 -5.50
CA ASN B 135 13.99 18.49 -6.74
C ASN B 135 13.59 17.56 -7.84
N MET B 136 13.45 16.28 -7.50
CA MET B 136 13.00 15.31 -8.47
C MET B 136 11.59 15.70 -8.91
N ALA B 137 10.80 16.20 -7.97
CA ALA B 137 9.43 16.59 -8.30
C ALA B 137 9.48 17.77 -9.21
N LEU B 138 10.36 18.75 -8.91
CA LEU B 138 10.58 19.88 -9.81
C LEU B 138 10.99 19.46 -11.21
N MET B 139 12.01 18.62 -11.32
CA MET B 139 12.37 18.12 -12.62
C MET B 139 11.14 17.58 -13.36
N ALA B 140 10.36 16.73 -12.69
CA ALA B 140 9.25 16.06 -13.34
C ALA B 140 8.15 17.04 -13.71
N MET B 141 7.89 17.98 -12.81
CA MET B 141 6.91 19.05 -13.05
C MET B 141 7.23 19.87 -14.32
N VAL B 142 8.46 20.36 -14.40
CA VAL B 142 8.95 21.07 -15.57
C VAL B 142 8.79 20.26 -16.85
N ASN B 143 9.08 18.95 -16.80
CA ASN B 143 8.88 18.09 -17.97
C ASN B 143 7.44 17.85 -18.36
N ILE B 144 6.59 17.71 -17.36
CA ILE B 144 5.18 17.43 -17.55
C ILE B 144 4.53 18.68 -18.16
N LEU B 145 4.94 19.85 -17.68
CA LEU B 145 4.41 21.11 -18.19
C LEU B 145 4.94 21.36 -19.59
N ALA B 146 6.26 21.19 -19.81
CA ALA B 146 6.84 21.27 -21.14
C ALA B 146 6.05 20.42 -22.12
N GLU B 147 5.70 19.22 -21.72
CA GLU B 147 5.03 18.28 -22.61
C GLU B 147 3.57 18.62 -22.84
N MET B 148 2.96 19.29 -21.87
CA MET B 148 1.56 19.72 -21.99
C MET B 148 1.44 20.85 -23.00
N LYS B 149 2.40 21.78 -22.96
CA LYS B 149 2.41 22.96 -23.83
C LYS B 149 2.96 22.66 -25.19
N ALA B 150 3.86 21.68 -25.28
CA ALA B 150 4.39 21.20 -26.56
C ALA B 150 3.21 20.77 -27.43
N PHE B 151 2.38 19.90 -26.86
CA PHE B 151 1.20 19.35 -27.53
C PHE B 151 0.17 20.40 -27.97
N GLN B 152 -0.07 21.41 -27.13
CA GLN B 152 -0.85 22.59 -27.51
C GLN B 152 -0.55 23.06 -28.98
N GLU B 153 0.71 23.41 -29.25
CA GLU B 153 1.15 23.92 -30.57
C GLU B 153 0.94 22.93 -31.71
N MET C 1 31.67 5.08 -13.46
CA MET C 1 30.52 4.95 -12.48
C MET C 1 29.33 4.22 -13.10
N LYS C 2 29.26 2.92 -12.83
CA LYS C 2 28.29 2.03 -13.46
C LYS C 2 26.94 1.88 -12.72
N ILE C 3 25.83 2.11 -13.44
CA ILE C 3 24.48 1.88 -12.93
C ILE C 3 23.81 0.73 -13.67
N LEU C 4 23.30 -0.24 -12.92
CA LEU C 4 22.60 -1.35 -13.51
C LEU C 4 21.11 -1.08 -13.54
N VAL C 5 20.52 -1.14 -14.72
CA VAL C 5 19.10 -0.95 -14.87
C VAL C 5 18.44 -2.30 -15.14
N ILE C 6 17.61 -2.75 -14.21
CA ILE C 6 16.92 -4.03 -14.31
C ILE C 6 15.45 -3.83 -14.60
N GLN C 7 14.99 -4.50 -15.66
CA GLN C 7 13.62 -4.41 -16.11
C GLN C 7 12.93 -5.75 -15.97
N GLY C 8 11.89 -5.81 -15.15
CA GLY C 8 11.19 -7.07 -14.90
C GLY C 8 10.27 -7.58 -16.00
N PRO C 9 9.42 -8.55 -15.65
CA PRO C 9 8.64 -9.26 -16.66
C PRO C 9 7.73 -8.36 -17.46
N ASN C 10 7.60 -8.68 -18.75
CA ASN C 10 6.65 -8.03 -19.65
C ASN C 10 7.04 -6.65 -20.12
N LEU C 11 8.03 -6.03 -19.49
CA LEU C 11 8.40 -4.68 -19.86
C LEU C 11 8.98 -4.61 -21.26
N ASN C 12 9.55 -5.71 -21.74
CA ASN C 12 10.03 -5.82 -23.13
C ASN C 12 8.90 -5.77 -24.14
N MET C 13 7.66 -5.94 -23.71
CA MET C 13 6.54 -5.88 -24.64
C MET C 13 6.03 -4.47 -24.81
N LEU C 14 6.64 -3.53 -24.10
CA LEU C 14 6.16 -2.16 -24.10
C LEU C 14 6.04 -1.56 -25.47
N GLY C 15 4.97 -0.80 -25.66
CA GLY C 15 4.81 0.09 -26.83
C GLY C 15 4.48 -0.58 -28.14
N HIS C 16 5.12 -1.73 -28.39
CA HIS C 16 4.96 -2.52 -29.63
C HIS C 16 3.51 -2.80 -30.00
N ARG C 17 2.66 -2.97 -28.98
CA ARG C 17 1.23 -3.24 -29.21
C ARG C 17 0.34 -1.99 -29.01
N ASP C 18 0.99 -0.88 -28.61
CA ASP C 18 0.38 0.33 -27.95
C ASP C 18 -0.71 0.08 -26.85
N PRO C 19 -0.49 -0.94 -25.97
CA PRO C 19 -1.58 -1.52 -25.16
C PRO C 19 -2.13 -0.61 -24.04
N ARG C 20 -2.29 0.67 -24.40
CA ARG C 20 -3.04 1.72 -23.66
C ARG C 20 -2.45 2.23 -22.32
N LEU C 21 -2.44 1.36 -21.29
CA LEU C 21 -2.10 1.68 -19.86
C LEU C 21 -0.67 2.20 -19.66
N TYR C 22 0.28 1.54 -20.32
CA TYR C 22 1.72 1.75 -20.17
C TYR C 22 2.29 2.72 -21.23
N GLY C 23 1.62 2.84 -22.38
CA GLY C 23 1.97 3.82 -23.41
C GLY C 23 2.49 3.32 -24.74
N MET C 24 3.23 4.21 -25.39
CA MET C 24 3.63 4.07 -26.78
C MET C 24 5.13 3.84 -26.96
N VAL C 25 5.88 4.12 -25.91
CA VAL C 25 7.33 4.09 -25.95
C VAL C 25 7.82 2.67 -25.72
N THR C 26 8.79 2.24 -26.51
CA THR C 26 9.31 0.88 -26.36
C THR C 26 10.39 0.84 -25.28
N LEU C 27 10.77 -0.36 -24.87
CA LEU C 27 11.77 -0.47 -23.81
C LEU C 27 13.10 0.09 -24.28
N ASP C 28 13.47 -0.16 -25.54
CA ASP C 28 14.71 0.39 -26.12
C ASP C 28 14.66 1.91 -26.07
N GLN C 29 13.52 2.46 -26.46
CA GLN C 29 13.33 3.88 -26.44
C GLN C 29 13.48 4.46 -25.04
N ILE C 30 13.03 3.72 -24.02
CA ILE C 30 13.22 4.17 -22.65
C ILE C 30 14.72 4.20 -22.35
N HIS C 31 15.44 3.18 -22.79
CA HIS C 31 16.86 3.15 -22.54
C HIS C 31 17.62 4.23 -23.32
N GLU C 32 17.18 4.54 -24.53
CA GLU C 32 17.80 5.64 -25.27
C GLU C 32 17.60 6.95 -24.52
N ILE C 33 16.36 7.21 -24.10
CA ILE C 33 16.00 8.36 -23.27
C ILE C 33 16.93 8.51 -22.06
N MET C 34 17.32 7.37 -21.49
CA MET C 34 18.22 7.37 -20.36
C MET C 34 19.62 7.82 -20.77
N GLN C 35 20.16 7.27 -21.86
CA GLN C 35 21.49 7.65 -22.36
C GLN C 35 21.54 9.15 -22.66
N THR C 36 20.53 9.59 -23.41
CA THR C 36 20.33 10.99 -23.72
C THR C 36 20.40 11.87 -22.49
N PHE C 37 19.69 11.48 -21.43
CA PHE C 37 19.73 12.23 -20.18
C PHE C 37 21.15 12.27 -19.60
N VAL C 38 21.87 11.15 -19.70
CA VAL C 38 23.22 11.02 -19.16
C VAL C 38 24.18 11.95 -19.89
N LYS C 39 24.07 12.00 -21.22
CA LYS C 39 24.90 12.92 -22.02
C LYS C 39 24.52 14.39 -21.78
N GLN C 40 23.26 14.73 -22.01
CA GLN C 40 22.75 16.11 -21.84
C GLN C 40 22.97 16.72 -20.45
N GLY C 41 23.61 15.98 -19.57
CA GLY C 41 23.87 16.48 -18.24
C GLY C 41 25.32 16.25 -17.90
N ASN C 42 26.02 15.59 -18.83
CA ASN C 42 27.44 15.29 -18.66
C ASN C 42 27.73 14.46 -17.43
N LEU C 43 26.72 13.73 -16.98
CA LEU C 43 26.81 12.88 -15.80
C LEU C 43 27.79 11.78 -16.10
N ASP C 44 28.53 11.38 -15.08
CA ASP C 44 29.65 10.49 -15.23
C ASP C 44 29.22 9.03 -15.02
N VAL C 45 28.41 8.53 -15.95
CA VAL C 45 27.67 7.29 -15.73
C VAL C 45 27.65 6.37 -16.96
N GLU C 46 28.04 5.11 -16.78
CA GLU C 46 27.84 4.11 -17.82
C GLU C 46 26.69 3.23 -17.37
N LEU C 47 25.70 3.03 -18.25
CA LEU C 47 24.54 2.21 -17.93
C LEU C 47 24.67 0.81 -18.49
N GLU C 48 24.33 -0.21 -17.71
CA GLU C 48 24.14 -1.56 -18.27
C GLU C 48 22.65 -1.85 -18.17
N PHE C 49 22.02 -2.24 -19.27
CA PHE C 49 20.58 -2.53 -19.25
C PHE C 49 20.31 -4.02 -19.23
N PHE C 50 19.32 -4.46 -18.46
CA PHE C 50 18.99 -5.87 -18.43
C PHE C 50 17.49 -6.11 -18.26
N GLN C 51 16.89 -6.93 -19.12
CA GLN C 51 15.46 -7.21 -19.01
C GLN C 51 15.25 -8.70 -18.95
N THR C 52 14.39 -9.14 -18.05
CA THR C 52 14.08 -10.55 -17.95
C THR C 52 12.67 -10.75 -17.49
N ASN C 53 12.16 -11.94 -17.80
CA ASN C 53 10.88 -12.41 -17.30
C ASN C 53 11.02 -13.42 -16.17
N PHE C 54 12.26 -13.71 -15.79
CA PHE C 54 12.53 -14.66 -14.73
C PHE C 54 12.86 -13.97 -13.40
N GLU C 55 12.10 -14.30 -12.36
CA GLU C 55 12.41 -13.86 -10.99
C GLU C 55 13.87 -14.24 -10.68
N GLY C 56 14.26 -15.45 -11.05
CA GLY C 56 15.58 -15.98 -10.77
C GLY C 56 16.66 -15.17 -11.45
N GLU C 57 16.37 -14.67 -12.66
CA GLU C 57 17.36 -13.85 -13.35
C GLU C 57 17.52 -12.50 -12.68
N ILE C 58 16.43 -11.89 -12.24
CA ILE C 58 16.55 -10.64 -11.47
C ILE C 58 17.45 -10.84 -10.24
N ILE C 59 17.19 -11.90 -9.49
CA ILE C 59 18.01 -12.18 -8.31
C ILE C 59 19.47 -12.41 -8.67
N ASP C 60 19.73 -13.28 -9.64
CA ASP C 60 21.09 -13.50 -10.14
C ASP C 60 21.76 -12.18 -10.42
N LYS C 61 21.08 -11.29 -11.14
CA LYS C 61 21.73 -10.07 -11.58
C LYS C 61 22.02 -9.18 -10.39
N ILE C 62 21.07 -9.04 -9.49
CA ILE C 62 21.31 -8.27 -8.26
C ILE C 62 22.54 -8.80 -7.54
N GLN C 63 22.63 -10.12 -7.42
CA GLN C 63 23.79 -10.78 -6.80
C GLN C 63 25.12 -10.55 -7.52
N GLU C 64 25.09 -10.61 -8.84
CA GLU C 64 26.31 -10.37 -9.62
C GLU C 64 26.81 -8.94 -9.53
N SER C 65 25.94 -8.03 -9.11
CA SER C 65 26.34 -6.65 -8.91
C SER C 65 27.20 -6.49 -7.65
N VAL C 66 27.13 -7.45 -6.73
CA VAL C 66 27.72 -7.29 -5.38
C VAL C 66 29.25 -7.18 -5.42
N GLY C 67 29.91 -8.22 -5.89
CA GLY C 67 31.36 -8.18 -6.06
C GLY C 67 31.88 -7.09 -7.04
N SER C 68 31.04 -6.63 -7.95
CA SER C 68 31.54 -5.81 -9.04
C SER C 68 31.64 -4.31 -8.73
N ASP C 69 32.03 -3.58 -9.77
CA ASP C 69 32.17 -2.13 -9.81
C ASP C 69 30.85 -1.49 -10.27
N TYR C 70 29.74 -2.09 -9.82
CA TYR C 70 28.43 -1.49 -9.99
C TYR C 70 28.10 -0.69 -8.75
N GLU C 71 27.83 0.59 -8.96
CA GLU C 71 27.66 1.51 -7.85
C GLU C 71 26.24 1.55 -7.30
N GLY C 72 25.25 1.30 -8.16
CA GLY C 72 23.83 1.38 -7.81
C GLY C 72 22.92 0.66 -8.79
N ILE C 73 21.68 0.41 -8.38
CA ILE C 73 20.69 -0.27 -9.22
C ILE C 73 19.40 0.52 -9.32
N ILE C 74 18.90 0.63 -10.55
CA ILE C 74 17.59 1.18 -10.81
C ILE C 74 16.79 0.01 -11.31
N ILE C 75 15.65 -0.27 -10.67
CA ILE C 75 14.90 -1.46 -11.00
C ILE C 75 13.40 -1.24 -11.08
N ASN C 76 12.81 -1.83 -12.11
CA ASN C 76 11.37 -1.91 -12.16
C ASN C 76 11.05 -3.39 -12.18
N PRO C 77 10.67 -3.96 -11.03
CA PRO C 77 10.45 -5.40 -10.96
C PRO C 77 9.16 -5.84 -11.66
N GLY C 78 8.38 -4.89 -12.17
CA GLY C 78 7.09 -5.21 -12.78
C GLY C 78 6.21 -6.01 -11.84
N ALA C 79 5.43 -6.93 -12.37
CA ALA C 79 4.48 -7.64 -11.55
C ALA C 79 5.10 -8.33 -10.33
N PHE C 80 6.42 -8.53 -10.33
CA PHE C 80 7.07 -9.19 -9.21
C PHE C 80 7.15 -8.31 -7.99
N SER C 81 6.93 -7.01 -8.19
CA SER C 81 7.04 -6.06 -7.10
C SER C 81 6.10 -6.47 -5.99
N HIS C 82 4.98 -7.03 -6.40
CA HIS C 82 3.89 -7.25 -5.48
C HIS C 82 4.02 -8.56 -4.78
N THR C 83 4.75 -9.48 -5.39
CA THR C 83 4.73 -10.86 -4.97
C THR C 83 6.08 -11.36 -4.46
N SER C 84 7.17 -10.74 -4.91
CA SER C 84 8.46 -11.37 -4.75
C SER C 84 9.24 -10.99 -3.49
N ILE C 85 9.05 -11.76 -2.42
CA ILE C 85 9.86 -11.61 -1.23
C ILE C 85 11.31 -11.90 -1.58
N ALA C 86 11.53 -12.89 -2.44
CA ALA C 86 12.89 -13.26 -2.83
C ALA C 86 13.68 -12.10 -3.42
N ILE C 87 13.11 -11.36 -4.36
CA ILE C 87 13.80 -10.20 -4.93
C ILE C 87 14.02 -9.15 -3.84
N ALA C 88 13.02 -9.00 -2.97
CA ALA C 88 13.09 -8.04 -1.88
C ALA C 88 14.30 -8.36 -1.04
N ASP C 89 14.52 -9.64 -0.74
CA ASP C 89 15.70 -10.05 0.05
C ASP C 89 16.98 -9.74 -0.69
N ALA C 90 17.07 -10.13 -1.96
CA ALA C 90 18.20 -9.79 -2.79
C ALA C 90 18.52 -8.31 -2.75
N ILE C 91 17.51 -7.44 -2.86
CA ILE C 91 17.71 -5.99 -2.78
C ILE C 91 18.30 -5.57 -1.44
N MET C 92 17.83 -6.20 -0.37
CA MET C 92 18.33 -5.86 0.95
C MET C 92 19.78 -6.26 1.12
N LEU C 93 20.19 -7.33 0.45
CA LEU C 93 21.58 -7.73 0.57
C LEU C 93 22.50 -7.14 -0.49
N ALA C 94 22.00 -6.27 -1.36
CA ALA C 94 22.86 -5.73 -2.42
C ALA C 94 23.95 -4.80 -1.89
N GLY C 95 23.76 -4.32 -0.67
CA GLY C 95 24.62 -3.33 -0.05
C GLY C 95 25.03 -2.20 -0.99
N LYS C 96 24.08 -1.66 -1.73
CA LYS C 96 24.28 -0.46 -2.57
C LYS C 96 22.92 0.14 -2.86
N PRO C 97 22.87 1.39 -3.31
CA PRO C 97 21.58 2.01 -3.52
C PRO C 97 20.71 1.30 -4.57
N VAL C 98 19.49 0.96 -4.18
CA VAL C 98 18.57 0.48 -5.16
C VAL C 98 17.35 1.40 -5.20
N ILE C 99 16.97 1.84 -6.40
CA ILE C 99 15.78 2.70 -6.60
C ILE C 99 14.74 1.96 -7.43
N GLU C 100 13.52 1.90 -6.93
CA GLU C 100 12.45 1.24 -7.69
C GLU C 100 11.64 2.23 -8.53
N VAL C 101 11.38 1.86 -9.78
CA VAL C 101 10.63 2.73 -10.69
C VAL C 101 9.45 1.96 -11.19
N HIS C 102 8.31 2.66 -11.31
CA HIS C 102 7.12 2.18 -12.03
C HIS C 102 6.62 3.23 -12.99
N LEU C 103 6.31 2.78 -14.21
CA LEU C 103 5.70 3.64 -15.19
C LEU C 103 4.39 4.16 -14.66
N THR C 104 3.56 3.26 -14.12
CA THR C 104 2.20 3.61 -13.73
C THR C 104 2.13 3.87 -12.23
N ASN C 105 1.10 4.57 -11.77
CA ASN C 105 0.93 4.85 -10.34
C ASN C 105 0.30 3.67 -9.64
N ILE C 106 1.12 2.79 -9.05
CA ILE C 106 0.60 1.52 -8.54
C ILE C 106 -0.34 1.68 -7.35
N GLN C 107 -0.32 2.86 -6.75
CA GLN C 107 -1.32 3.23 -5.75
C GLN C 107 -2.72 3.30 -6.32
N ALA C 108 -2.83 3.66 -7.59
CA ALA C 108 -4.12 3.92 -8.20
C ALA C 108 -4.67 2.76 -9.03
N ARG C 109 -4.18 1.54 -8.80
CA ARG C 109 -4.66 0.40 -9.57
C ARG C 109 -5.32 -0.62 -8.63
N GLU C 110 -5.56 -1.84 -9.11
CA GLU C 110 -6.09 -2.93 -8.28
C GLU C 110 -5.43 -3.06 -6.90
N GLU C 111 -6.17 -3.60 -5.95
CA GLU C 111 -5.66 -3.80 -4.60
C GLU C 111 -4.36 -4.64 -4.62
N PHE C 112 -4.34 -5.72 -5.40
CA PHE C 112 -3.19 -6.61 -5.47
C PHE C 112 -1.89 -5.98 -5.99
N ARG C 113 -1.97 -4.75 -6.52
CA ARG C 113 -0.82 -3.98 -7.05
C ARG C 113 -0.31 -2.86 -6.15
N LYS C 114 -1.02 -2.58 -5.06
CA LYS C 114 -0.63 -1.49 -4.16
C LYS C 114 0.59 -1.83 -3.30
N ASN C 115 0.63 -3.05 -2.76
CA ASN C 115 1.78 -3.60 -2.07
C ASN C 115 2.97 -3.70 -3.00
N SER C 116 4.14 -3.26 -2.53
CA SER C 116 5.40 -3.57 -3.21
C SER C 116 6.45 -4.08 -2.24
N TYR C 117 6.64 -5.40 -2.19
CA TYR C 117 7.64 -5.99 -1.31
C TYR C 117 9.00 -5.43 -1.63
N THR C 118 9.31 -5.43 -2.92
CA THR C 118 10.56 -4.93 -3.46
C THR C 118 10.75 -3.43 -3.18
N GLY C 119 9.71 -2.64 -3.38
CA GLY C 119 9.76 -1.22 -3.06
C GLY C 119 10.05 -0.89 -1.60
N ALA C 120 9.58 -1.73 -0.69
CA ALA C 120 9.88 -1.55 0.73
C ALA C 120 11.39 -1.77 1.00
N ALA C 121 12.01 -2.69 0.24
CA ALA C 121 13.43 -2.99 0.40
C ALA C 121 14.33 -1.95 -0.24
N CYS C 122 13.79 -1.13 -1.15
CA CYS C 122 14.55 -0.08 -1.79
C CYS C 122 14.65 1.17 -0.93
N GLY C 123 15.65 1.99 -1.18
CA GLY C 123 15.76 3.21 -0.48
C GLY C 123 14.62 4.13 -0.87
N GLY C 124 14.14 4.03 -2.09
CA GLY C 124 13.16 4.99 -2.57
C GLY C 124 12.41 4.45 -3.75
N VAL C 125 11.25 5.07 -4.03
CA VAL C 125 10.37 4.53 -5.03
C VAL C 125 9.82 5.70 -5.82
N ILE C 126 9.69 5.47 -7.12
CA ILE C 126 9.15 6.45 -8.04
C ILE C 126 8.06 5.79 -8.85
N MET C 127 6.87 6.37 -8.83
CA MET C 127 5.80 5.78 -9.59
C MET C 127 4.97 6.80 -10.30
N GLY C 128 4.55 6.45 -11.51
CA GLY C 128 3.46 7.13 -12.16
C GLY C 128 3.86 8.21 -13.12
N PHE C 129 5.13 8.24 -13.53
CA PHE C 129 5.62 9.31 -14.37
C PHE C 129 5.97 8.84 -15.77
N GLY C 130 5.49 7.66 -16.15
CA GLY C 130 5.88 7.11 -17.44
C GLY C 130 7.40 6.93 -17.49
N PRO C 131 7.98 6.85 -18.72
CA PRO C 131 9.44 6.68 -18.88
C PRO C 131 10.26 7.75 -18.14
N LEU C 132 9.69 8.95 -18.00
CA LEU C 132 10.38 10.02 -17.31
C LEU C 132 10.88 9.59 -15.93
N GLY C 133 10.13 8.68 -15.31
CA GLY C 133 10.46 8.14 -14.00
C GLY C 133 11.87 7.59 -13.95
N TYR C 134 12.32 7.01 -15.06
CA TYR C 134 13.67 6.45 -15.09
C TYR C 134 14.75 7.52 -14.99
N ASN C 135 14.51 8.67 -15.63
CA ASN C 135 15.47 9.77 -15.59
C ASN C 135 15.48 10.38 -14.21
N MET C 136 14.32 10.44 -13.59
CA MET C 136 14.23 10.89 -12.22
C MET C 136 15.08 9.97 -11.34
N ALA C 137 15.07 8.67 -11.65
CA ALA C 137 15.84 7.68 -10.89
C ALA C 137 17.33 7.90 -11.08
N LEU C 138 17.73 8.16 -12.32
CA LEU C 138 19.09 8.61 -12.62
C LEU C 138 19.52 9.87 -11.87
N MET C 139 18.72 10.93 -11.93
CA MET C 139 19.07 12.10 -11.18
C MET C 139 19.34 11.71 -9.71
N ALA C 140 18.40 11.00 -9.10
CA ALA C 140 18.49 10.71 -7.70
C ALA C 140 19.70 9.85 -7.43
N MET C 141 19.94 8.89 -8.30
CA MET C 141 21.06 7.96 -8.11
C MET C 141 22.39 8.72 -8.09
N VAL C 142 22.56 9.59 -9.07
CA VAL C 142 23.74 10.45 -9.16
C VAL C 142 23.89 11.28 -7.90
N ASN C 143 22.82 11.83 -7.38
CA ASN C 143 22.90 12.59 -6.15
C ASN C 143 23.19 11.76 -4.92
N ILE C 144 22.64 10.54 -4.88
CA ILE C 144 22.82 9.67 -3.74
C ILE C 144 24.25 9.24 -3.71
N LEU C 145 24.80 8.96 -4.90
CA LEU C 145 26.21 8.54 -5.04
C LEU C 145 27.16 9.68 -4.70
N ALA C 146 26.91 10.87 -5.27
CA ALA C 146 27.65 12.07 -4.93
C ALA C 146 27.74 12.25 -3.44
N GLU C 147 26.63 12.06 -2.75
CA GLU C 147 26.58 12.33 -1.33
C GLU C 147 27.24 11.25 -0.51
N MET C 148 27.26 10.03 -1.01
CA MET C 148 27.93 8.92 -0.36
C MET C 148 29.44 9.11 -0.37
N LYS C 149 29.96 9.63 -1.49
CA LYS C 149 31.39 9.82 -1.68
C LYS C 149 31.88 11.15 -1.14
N ALA C 150 30.99 12.12 -1.01
CA ALA C 150 31.33 13.40 -0.41
C ALA C 150 31.75 13.17 1.03
N PHE C 151 30.87 12.46 1.72
CA PHE C 151 31.09 12.07 3.12
C PHE C 151 32.40 11.30 3.38
N GLN C 152 32.68 10.31 2.51
CA GLN C 152 33.96 9.62 2.50
C GLN C 152 35.11 10.60 2.85
N GLU C 153 35.29 11.60 1.98
CA GLU C 153 36.37 12.58 2.10
C GLU C 153 36.27 13.37 3.41
N MET D 1 23.11 -44.77 -0.32
CA MET D 1 21.90 -44.05 0.18
C MET D 1 22.04 -42.53 -0.03
N LYS D 2 21.39 -42.03 -1.08
CA LYS D 2 21.55 -40.64 -1.54
C LYS D 2 20.51 -39.64 -0.97
N ILE D 3 21.00 -38.56 -0.35
CA ILE D 3 20.16 -37.44 0.10
C ILE D 3 20.42 -36.19 -0.75
N LEU D 4 19.34 -35.61 -1.28
CA LEU D 4 19.45 -34.39 -2.05
C LEU D 4 19.19 -33.20 -1.15
N VAL D 5 20.16 -32.30 -1.08
CA VAL D 5 20.02 -31.08 -0.31
C VAL D 5 19.78 -29.90 -1.24
N ILE D 6 18.58 -29.33 -1.17
CA ILE D 6 18.20 -28.19 -2.02
C ILE D 6 18.18 -26.86 -1.26
N GLN D 7 18.91 -25.88 -1.80
CA GLN D 7 19.06 -24.57 -1.16
C GLN D 7 18.46 -23.48 -2.02
N GLY D 8 17.45 -22.81 -1.49
CA GLY D 8 16.68 -21.84 -2.26
C GLY D 8 17.34 -20.49 -2.48
N PRO D 9 16.59 -19.52 -2.99
CA PRO D 9 17.16 -18.25 -3.39
C PRO D 9 17.92 -17.52 -2.27
N ASN D 10 19.04 -16.89 -2.64
CA ASN D 10 19.81 -16.02 -1.76
C ASN D 10 20.71 -16.72 -0.76
N LEU D 11 20.51 -18.02 -0.58
CA LEU D 11 21.30 -18.74 0.39
C LEU D 11 22.76 -18.81 -0.01
N ASN D 12 23.03 -18.71 -1.30
CA ASN D 12 24.41 -18.68 -1.77
C ASN D 12 25.12 -17.41 -1.33
N MET D 13 24.38 -16.41 -0.88
CA MET D 13 25.02 -15.16 -0.43
C MET D 13 25.39 -15.18 1.04
N LEU D 14 25.09 -16.29 1.70
CA LEU D 14 25.36 -16.41 3.12
C LEU D 14 26.79 -16.10 3.50
N GLY D 15 26.92 -15.43 4.63
CA GLY D 15 28.20 -15.31 5.31
C GLY D 15 29.19 -14.33 4.70
N HIS D 16 29.31 -14.36 3.37
CA HIS D 16 30.23 -13.51 2.57
C HIS D 16 30.16 -12.02 2.92
N ARG D 17 28.96 -11.53 3.25
CA ARG D 17 28.76 -10.10 3.62
C ARG D 17 28.70 -9.86 5.15
N ASP D 18 28.74 -10.97 5.92
CA ASP D 18 28.27 -11.10 7.33
C ASP D 18 26.92 -10.41 7.72
N PRO D 19 25.88 -10.52 6.83
CA PRO D 19 24.71 -9.61 6.89
C PRO D 19 23.79 -9.83 8.09
N ARG D 20 24.42 -10.03 9.26
CA ARG D 20 23.79 -10.06 10.61
C ARG D 20 22.80 -11.22 10.96
N LEU D 21 21.60 -11.21 10.35
CA LEU D 21 20.44 -12.07 10.68
C LEU D 21 20.72 -13.58 10.53
N TYR D 22 21.39 -13.92 9.42
CA TYR D 22 21.62 -15.31 8.98
C TYR D 22 23.00 -15.86 9.46
N GLY D 23 23.95 -14.94 9.70
CA GLY D 23 25.26 -15.30 10.27
C GLY D 23 26.52 -15.12 9.43
N MET D 24 27.52 -15.89 9.82
CA MET D 24 28.89 -15.76 9.36
C MET D 24 29.36 -16.94 8.50
N VAL D 25 28.60 -18.02 8.55
CA VAL D 25 28.97 -19.27 7.91
C VAL D 25 28.52 -19.22 6.46
N THR D 26 29.38 -19.64 5.53
CA THR D 26 29.00 -19.65 4.11
C THR D 26 28.19 -20.89 3.78
N LEU D 27 27.59 -20.91 2.60
CA LEU D 27 26.82 -22.06 2.19
C LEU D 27 27.72 -23.28 2.02
N ASP D 28 28.94 -23.07 1.49
CA ASP D 28 29.91 -24.16 1.35
C ASP D 28 30.26 -24.74 2.71
N GLN D 29 30.49 -23.83 3.66
CA GLN D 29 30.79 -24.23 5.01
C GLN D 29 29.63 -25.04 5.62
N ILE D 30 28.39 -24.70 5.28
CA ILE D 30 27.25 -25.46 5.80
C ILE D 30 27.31 -26.86 5.21
N HIS D 31 27.62 -26.95 3.92
CA HIS D 31 27.74 -28.24 3.27
C HIS D 31 28.92 -29.09 3.81
N GLU D 32 30.05 -28.45 4.12
CA GLU D 32 31.16 -29.17 4.75
C GLU D 32 30.72 -29.72 6.10
N ILE D 33 30.09 -28.88 6.92
CA ILE D 33 29.53 -29.28 8.21
C ILE D 33 28.66 -30.53 8.08
N MET D 34 27.90 -30.61 6.98
CA MET D 34 27.04 -31.77 6.76
C MET D 34 27.85 -33.04 6.46
N GLN D 35 28.86 -32.96 5.59
CA GLN D 35 29.76 -34.09 5.30
C GLN D 35 30.42 -34.58 6.60
N THR D 36 31.06 -33.65 7.30
CA THR D 36 31.63 -33.90 8.60
C THR D 36 30.65 -34.69 9.47
N PHE D 37 29.42 -34.22 9.63
CA PHE D 37 28.45 -34.96 10.43
C PHE D 37 28.23 -36.39 9.91
N VAL D 38 28.24 -36.54 8.59
CA VAL D 38 28.02 -37.86 7.95
C VAL D 38 29.17 -38.84 8.22
N LYS D 39 30.40 -38.36 8.13
CA LYS D 39 31.56 -39.18 8.52
C LYS D 39 31.61 -39.48 10.02
N GLN D 40 31.64 -38.43 10.84
CA GLN D 40 31.69 -38.58 12.32
C GLN D 40 30.59 -39.41 12.97
N GLY D 41 29.74 -40.00 12.14
CA GLY D 41 28.65 -40.79 12.63
C GLY D 41 28.62 -42.06 11.82
N ASN D 42 29.50 -42.12 10.82
CA ASN D 42 29.62 -43.27 9.93
C ASN D 42 28.34 -43.63 9.22
N LEU D 43 27.47 -42.62 9.09
CA LEU D 43 26.17 -42.79 8.46
C LEU D 43 26.43 -43.11 7.01
N ASP D 44 25.55 -43.93 6.45
CA ASP D 44 25.73 -44.50 5.13
C ASP D 44 25.06 -43.63 4.05
N VAL D 45 25.57 -42.42 3.88
CA VAL D 45 24.87 -41.40 3.11
C VAL D 45 25.79 -40.62 2.17
N GLU D 46 25.43 -40.58 0.89
CA GLU D 46 26.10 -39.68 -0.06
C GLU D 46 25.18 -38.50 -0.31
N LEU D 47 25.71 -37.29 -0.11
CA LEU D 47 24.95 -36.04 -0.30
C LEU D 47 25.17 -35.44 -1.70
N GLU D 48 24.10 -34.97 -2.33
CA GLU D 48 24.22 -34.14 -3.52
C GLU D 48 23.73 -32.76 -3.11
N PHE D 49 24.54 -31.73 -3.30
CA PHE D 49 24.12 -30.37 -2.95
C PHE D 49 23.67 -29.58 -4.17
N PHE D 50 22.61 -28.78 -4.02
CA PHE D 50 22.13 -27.93 -5.09
C PHE D 50 21.56 -26.62 -4.59
N GLN D 51 22.05 -25.52 -5.17
CA GLN D 51 21.54 -24.20 -4.81
C GLN D 51 21.01 -23.49 -6.05
N THR D 52 19.87 -22.83 -5.93
CA THR D 52 19.34 -22.06 -7.05
C THR D 52 18.47 -20.91 -6.59
N ASN D 53 18.35 -19.92 -7.46
CA ASN D 53 17.49 -18.78 -7.22
C ASN D 53 16.21 -18.90 -8.01
N PHE D 54 16.06 -20.00 -8.74
CA PHE D 54 14.91 -20.18 -9.59
C PHE D 54 13.93 -21.14 -8.94
N GLU D 55 12.71 -20.69 -8.76
CA GLU D 55 11.60 -21.56 -8.37
C GLU D 55 11.55 -22.80 -9.28
N GLY D 56 11.64 -22.59 -10.58
CA GLY D 56 11.55 -23.68 -11.54
C GLY D 56 12.67 -24.69 -11.43
N GLU D 57 13.86 -24.25 -11.05
CA GLU D 57 14.96 -25.20 -10.84
C GLU D 57 14.72 -26.05 -9.61
N ILE D 58 14.23 -25.46 -8.52
CA ILE D 58 13.83 -26.25 -7.36
C ILE D 58 12.82 -27.36 -7.74
N ILE D 59 11.76 -27.00 -8.47
CA ILE D 59 10.76 -27.97 -8.92
C ILE D 59 11.43 -29.01 -9.84
N ASP D 60 12.22 -28.57 -10.81
CA ASP D 60 12.91 -29.49 -11.72
C ASP D 60 13.67 -30.52 -10.90
N LYS D 61 14.41 -30.07 -9.88
CA LYS D 61 15.26 -30.95 -9.14
C LYS D 61 14.45 -31.93 -8.28
N ILE D 62 13.42 -31.43 -7.61
CA ILE D 62 12.52 -32.34 -6.89
C ILE D 62 12.00 -33.42 -7.83
N GLN D 63 11.56 -33.01 -9.02
CA GLN D 63 11.06 -33.96 -10.02
C GLN D 63 12.13 -34.98 -10.46
N GLU D 64 13.35 -34.51 -10.69
CA GLU D 64 14.42 -35.40 -11.16
C GLU D 64 14.83 -36.41 -10.10
N SER D 65 14.47 -36.15 -8.85
CA SER D 65 14.72 -37.11 -7.78
C SER D 65 13.76 -38.32 -7.85
N VAL D 66 12.63 -38.18 -8.54
CA VAL D 66 11.53 -39.17 -8.49
C VAL D 66 11.96 -40.52 -9.07
N GLY D 67 12.33 -40.52 -10.34
CA GLY D 67 12.81 -41.74 -10.98
C GLY D 67 14.10 -42.31 -10.37
N SER D 68 14.89 -41.45 -9.72
CA SER D 68 16.26 -41.86 -9.36
C SER D 68 16.35 -42.64 -8.05
N ASP D 69 17.60 -42.95 -7.71
CA ASP D 69 18.04 -43.60 -6.47
C ASP D 69 18.33 -42.52 -5.40
N TYR D 70 17.49 -41.48 -5.38
CA TYR D 70 17.48 -40.52 -4.30
C TYR D 70 16.45 -40.97 -3.28
N GLU D 71 16.89 -41.13 -2.02
CA GLU D 71 16.07 -41.69 -0.96
C GLU D 71 15.22 -40.63 -0.25
N GLY D 72 15.76 -39.41 -0.14
CA GLY D 72 15.11 -38.31 0.59
C GLY D 72 15.62 -36.93 0.21
N ILE D 73 14.87 -35.89 0.58
CA ILE D 73 15.26 -34.49 0.32
C ILE D 73 15.27 -33.66 1.59
N ILE D 74 16.36 -32.94 1.79
CA ILE D 74 16.41 -31.85 2.78
C ILE D 74 16.38 -30.54 2.00
N ILE D 75 15.46 -29.67 2.36
CA ILE D 75 15.26 -28.47 1.58
C ILE D 75 15.05 -27.22 2.41
N ASN D 76 15.71 -26.15 2.01
CA ASN D 76 15.41 -24.85 2.56
C ASN D 76 15.00 -23.98 1.38
N PRO D 77 13.70 -23.81 1.18
CA PRO D 77 13.19 -23.09 0.01
C PRO D 77 13.38 -21.61 0.10
N GLY D 78 13.91 -21.12 1.23
CA GLY D 78 14.16 -19.68 1.41
C GLY D 78 12.87 -18.90 1.24
N ALA D 79 12.94 -17.68 0.74
CA ALA D 79 11.75 -16.86 0.62
C ALA D 79 10.62 -17.53 -0.15
N PHE D 80 10.90 -18.59 -0.91
CA PHE D 80 9.84 -19.27 -1.66
C PHE D 80 8.93 -20.09 -0.77
N SER D 81 9.40 -20.34 0.45
CA SER D 81 8.62 -21.11 1.42
C SER D 81 7.25 -20.51 1.63
N HIS D 82 7.21 -19.19 1.62
CA HIS D 82 6.02 -18.46 1.98
C HIS D 82 5.07 -18.27 0.81
N THR D 83 5.58 -18.39 -0.40
CA THR D 83 4.83 -17.96 -1.56
C THR D 83 4.55 -19.13 -2.52
N SER D 84 5.41 -20.16 -2.54
CA SER D 84 5.39 -21.10 -3.64
C SER D 84 4.49 -22.33 -3.49
N ILE D 85 3.23 -22.18 -3.87
CA ILE D 85 2.34 -23.34 -4.00
C ILE D 85 2.92 -24.37 -4.94
N ALA D 86 3.55 -23.90 -6.04
CA ALA D 86 4.15 -24.81 -7.02
C ALA D 86 5.19 -25.75 -6.39
N ILE D 87 6.11 -25.22 -5.58
CA ILE D 87 7.11 -26.10 -4.94
C ILE D 87 6.40 -27.00 -3.93
N ALA D 88 5.42 -26.46 -3.23
CA ALA D 88 4.66 -27.26 -2.29
C ALA D 88 4.07 -28.46 -3.00
N ASP D 89 3.46 -28.26 -4.18
CA ASP D 89 2.92 -29.38 -4.98
C ASP D 89 4.00 -30.36 -5.39
N ALA D 90 5.09 -29.86 -5.94
CA ALA D 90 6.24 -30.70 -6.24
C ALA D 90 6.62 -31.57 -5.04
N ILE D 91 6.68 -30.99 -3.84
CA ILE D 91 7.04 -31.75 -2.64
C ILE D 91 6.02 -32.86 -2.37
N MET D 92 4.74 -32.56 -2.55
CA MET D 92 3.71 -33.55 -2.31
C MET D 92 3.78 -34.71 -3.28
N LEU D 93 4.27 -34.49 -4.48
CA LEU D 93 4.38 -35.59 -5.44
C LEU D 93 5.74 -36.27 -5.44
N ALA D 94 6.64 -35.89 -4.54
CA ALA D 94 7.99 -36.45 -4.58
C ALA D 94 7.99 -37.92 -4.16
N GLY D 95 6.93 -38.34 -3.44
CA GLY D 95 6.78 -39.67 -2.87
C GLY D 95 8.05 -40.17 -2.20
N LYS D 96 8.64 -39.35 -1.35
CA LYS D 96 9.81 -39.72 -0.55
C LYS D 96 9.98 -38.62 0.49
N PRO D 97 10.63 -38.92 1.61
CA PRO D 97 10.62 -37.96 2.72
C PRO D 97 11.23 -36.63 2.34
N VAL D 98 10.52 -35.57 2.68
CA VAL D 98 11.09 -34.24 2.48
C VAL D 98 11.12 -33.51 3.82
N ILE D 99 12.27 -32.94 4.16
CA ILE D 99 12.40 -32.20 5.41
C ILE D 99 12.79 -30.75 5.15
N GLU D 100 11.99 -29.82 5.64
CA GLU D 100 12.27 -28.40 5.46
C GLU D 100 13.12 -27.81 6.57
N VAL D 101 14.17 -27.10 6.20
CA VAL D 101 15.04 -26.44 7.18
C VAL D 101 15.02 -24.93 6.97
N HIS D 102 15.02 -24.17 8.08
CA HIS D 102 15.31 -22.75 8.06
C HIS D 102 16.36 -22.39 9.09
N LEU D 103 17.33 -21.60 8.65
CA LEU D 103 18.34 -21.08 9.55
C LEU D 103 17.66 -20.31 10.68
N THR D 104 16.80 -19.35 10.33
CA THR D 104 16.19 -18.43 11.29
C THR D 104 14.82 -18.95 11.73
N ASN D 105 14.31 -18.47 12.88
CA ASN D 105 12.99 -18.92 13.38
C ASN D 105 11.85 -18.15 12.67
N ILE D 106 11.32 -18.69 11.57
CA ILE D 106 10.40 -17.91 10.75
C ILE D 106 9.11 -17.55 11.46
N GLN D 107 8.85 -18.20 12.59
CA GLN D 107 7.74 -17.82 13.46
C GLN D 107 7.96 -16.44 14.04
N ALA D 108 9.21 -16.05 14.22
CA ALA D 108 9.54 -14.86 15.00
C ALA D 108 9.89 -13.68 14.11
N ARG D 109 9.49 -13.71 12.86
CA ARG D 109 9.82 -12.63 11.95
C ARG D 109 8.53 -11.97 11.45
N GLU D 110 8.62 -11.17 10.39
CA GLU D 110 7.44 -10.50 9.78
C GLU D 110 6.29 -11.47 9.53
N GLU D 111 5.07 -10.93 9.49
CA GLU D 111 3.87 -11.74 9.26
C GLU D 111 4.00 -12.54 7.96
N PHE D 112 4.51 -11.89 6.90
CA PHE D 112 4.57 -12.53 5.58
C PHE D 112 5.53 -13.73 5.51
N ARG D 113 6.32 -13.96 6.57
CA ARG D 113 7.27 -15.10 6.68
C ARG D 113 6.80 -16.26 7.57
N LYS D 114 5.69 -16.08 8.30
CA LYS D 114 5.21 -17.10 9.23
C LYS D 114 4.63 -18.31 8.48
N ASN D 115 3.82 -18.03 7.46
CA ASN D 115 3.28 -19.07 6.55
C ASN D 115 4.42 -19.79 5.83
N SER D 116 4.35 -21.12 5.82
CA SER D 116 5.17 -21.91 4.89
C SER D 116 4.36 -22.93 4.08
N TYR D 117 4.01 -22.60 2.83
CA TYR D 117 3.32 -23.53 1.93
C TYR D 117 4.10 -24.84 1.82
N THR D 118 5.39 -24.68 1.52
CA THR D 118 6.30 -25.80 1.34
C THR D 118 6.45 -26.63 2.61
N GLY D 119 6.54 -25.96 3.75
CA GLY D 119 6.65 -26.64 5.02
C GLY D 119 5.45 -27.51 5.36
N ALA D 120 4.26 -27.04 5.01
CA ALA D 120 3.05 -27.82 5.21
C ALA D 120 3.10 -29.12 4.39
N ALA D 121 3.72 -29.08 3.22
CA ALA D 121 3.82 -30.24 2.34
C ALA D 121 4.92 -31.20 2.78
N CYS D 122 5.84 -30.74 3.63
CA CYS D 122 6.90 -31.62 4.13
C CYS D 122 6.42 -32.48 5.32
N GLY D 123 7.16 -33.57 5.56
CA GLY D 123 6.91 -34.40 6.73
C GLY D 123 7.14 -33.60 7.99
N GLY D 124 8.21 -32.79 7.99
CA GLY D 124 8.59 -32.07 9.19
C GLY D 124 9.40 -30.84 8.88
N VAL D 125 9.53 -29.97 9.86
CA VAL D 125 10.11 -28.67 9.60
C VAL D 125 11.00 -28.33 10.77
N ILE D 126 12.16 -27.76 10.47
CA ILE D 126 13.11 -27.39 11.47
C ILE D 126 13.44 -25.92 11.26
N MET D 127 13.29 -25.14 12.32
CA MET D 127 13.62 -23.74 12.16
C MET D 127 14.36 -23.15 13.34
N GLY D 128 15.29 -22.26 13.02
CA GLY D 128 15.84 -21.38 14.01
C GLY D 128 17.08 -21.89 14.69
N PHE D 129 17.77 -22.87 14.10
CA PHE D 129 18.95 -23.42 14.76
C PHE D 129 20.24 -23.11 14.03
N GLY D 130 20.21 -22.13 13.14
CA GLY D 130 21.37 -21.82 12.29
C GLY D 130 21.74 -23.05 11.46
N PRO D 131 23.01 -23.14 11.00
CA PRO D 131 23.49 -24.30 10.21
C PRO D 131 23.27 -25.66 10.87
N LEU D 132 23.23 -25.69 12.20
CA LEU D 132 23.02 -26.92 12.93
C LEU D 132 21.73 -27.62 12.49
N GLY D 133 20.73 -26.82 12.13
CA GLY D 133 19.44 -27.32 11.67
C GLY D 133 19.58 -28.36 10.56
N TYR D 134 20.53 -28.15 9.66
CA TYR D 134 20.77 -29.12 8.58
C TYR D 134 21.23 -30.48 9.09
N ASN D 135 22.08 -30.50 10.11
CA ASN D 135 22.53 -31.77 10.66
C ASN D 135 21.39 -32.47 11.37
N MET D 136 20.53 -31.67 12.00
CA MET D 136 19.35 -32.20 12.65
C MET D 136 18.46 -32.84 11.59
N ALA D 137 18.44 -32.24 10.40
CA ALA D 137 17.65 -32.80 9.30
C ALA D 137 18.23 -34.13 8.88
N LEU D 138 19.57 -34.16 8.75
CA LEU D 138 20.31 -35.39 8.49
C LEU D 138 19.99 -36.47 9.50
N MET D 139 20.09 -36.13 10.78
CA MET D 139 19.78 -37.11 11.79
C MET D 139 18.39 -37.68 11.53
N ALA D 140 17.43 -36.78 11.34
CA ALA D 140 16.05 -37.23 11.21
C ALA D 140 15.85 -38.04 9.95
N MET D 141 16.45 -37.59 8.86
CA MET D 141 16.34 -38.28 7.58
C MET D 141 16.80 -39.73 7.68
N VAL D 142 17.98 -39.92 8.27
CA VAL D 142 18.56 -41.24 8.50
C VAL D 142 17.63 -42.10 9.35
N ASN D 143 17.04 -41.52 10.38
CA ASN D 143 16.10 -42.27 11.19
C ASN D 143 14.82 -42.62 10.46
N ILE D 144 14.35 -41.70 9.62
CA ILE D 144 13.10 -41.87 8.90
C ILE D 144 13.29 -42.99 7.88
N LEU D 145 14.47 -43.01 7.26
CA LEU D 145 14.81 -44.00 6.26
C LEU D 145 15.04 -45.38 6.88
N ALA D 146 15.82 -45.42 7.95
CA ALA D 146 15.98 -46.63 8.76
C ALA D 146 14.63 -47.24 9.10
N GLU D 147 13.68 -46.41 9.50
CA GLU D 147 12.40 -46.91 9.97
C GLU D 147 11.51 -47.37 8.81
N MET D 148 11.69 -46.77 7.64
CA MET D 148 10.92 -47.13 6.45
C MET D 148 11.32 -48.51 5.96
N LYS D 149 12.62 -48.79 6.03
CA LYS D 149 13.21 -50.05 5.56
C LYS D 149 13.15 -51.15 6.60
N ALA D 150 13.15 -50.78 7.88
CA ALA D 150 12.90 -51.73 8.97
C ALA D 150 11.56 -52.42 8.75
N PHE D 151 10.51 -51.61 8.54
CA PHE D 151 9.17 -52.10 8.27
C PHE D 151 9.00 -52.97 7.02
N GLN D 152 9.69 -52.61 5.94
CA GLN D 152 9.80 -53.48 4.76
C GLN D 152 9.99 -54.98 5.14
N GLU D 153 11.06 -55.27 5.89
CA GLU D 153 11.42 -56.64 6.28
C GLU D 153 10.36 -57.34 7.15
N MET E 1 6.76 25.82 36.90
CA MET E 1 6.62 24.51 36.18
C MET E 1 5.25 24.44 35.48
N LYS E 2 5.28 24.69 34.17
CA LYS E 2 4.07 24.81 33.36
C LYS E 2 3.61 23.51 32.68
N ILE E 3 2.35 23.12 32.94
CA ILE E 3 1.71 21.99 32.25
C ILE E 3 0.62 22.50 31.31
N LEU E 4 0.68 22.04 30.06
CA LEU E 4 -0.34 22.37 29.06
C LEU E 4 -1.40 21.28 29.04
N VAL E 5 -2.65 21.67 29.26
CA VAL E 5 -3.76 20.74 29.16
C VAL E 5 -4.53 20.99 27.86
N ILE E 6 -4.52 20.01 26.96
CA ILE E 6 -5.21 20.13 25.67
C ILE E 6 -6.46 19.27 25.61
N GLN E 7 -7.57 19.91 25.27
CA GLN E 7 -8.86 19.27 25.24
C GLN E 7 -9.41 19.27 23.84
N GLY E 8 -9.65 18.07 23.30
CA GLY E 8 -10.01 17.90 21.89
C GLY E 8 -11.47 18.16 21.57
N PRO E 9 -11.89 17.79 20.36
CA PRO E 9 -13.20 18.17 19.88
C PRO E 9 -14.34 17.73 20.78
N ASN E 10 -15.34 18.59 20.89
CA ASN E 10 -16.60 18.31 21.58
C ASN E 10 -16.55 18.33 23.08
N LEU E 11 -15.35 18.38 23.65
CA LEU E 11 -15.23 18.29 25.10
C LEU E 11 -15.78 19.55 25.75
N ASN E 12 -15.81 20.64 25.00
CA ASN E 12 -16.42 21.86 25.49
C ASN E 12 -17.95 21.75 25.65
N MET E 13 -18.56 20.71 25.10
CA MET E 13 -20.00 20.54 25.25
C MET E 13 -20.34 19.71 26.46
N LEU E 14 -19.33 19.26 27.19
CA LEU E 14 -19.57 18.42 28.35
C LEU E 14 -20.54 19.02 29.33
N GLY E 15 -21.36 18.16 29.90
CA GLY E 15 -22.15 18.52 31.07
C GLY E 15 -23.35 19.40 30.81
N HIS E 16 -23.17 20.41 29.97
CA HIS E 16 -24.23 21.37 29.65
C HIS E 16 -25.56 20.73 29.22
N ARG E 17 -25.49 19.60 28.52
CA ARG E 17 -26.69 18.88 28.06
C ARG E 17 -27.10 17.67 28.96
N ASP E 18 -26.26 17.40 29.97
CA ASP E 18 -26.14 16.09 30.75
C ASP E 18 -26.19 14.78 29.91
N PRO E 19 -25.48 14.76 28.75
CA PRO E 19 -25.76 13.76 27.69
C PRO E 19 -25.30 12.34 28.04
N ARG E 20 -25.57 11.95 29.29
CA ARG E 20 -25.47 10.56 29.83
C ARG E 20 -24.06 9.91 29.96
N LEU E 21 -23.43 9.60 28.81
CA LEU E 21 -22.17 8.80 28.70
C LEU E 21 -20.94 9.42 29.41
N TYR E 22 -20.77 10.74 29.20
CA TYR E 22 -19.61 11.52 29.67
C TYR E 22 -19.85 12.23 31.04
N GLY E 23 -21.13 12.52 31.36
CA GLY E 23 -21.54 12.98 32.68
C GLY E 23 -22.19 14.36 32.79
N MET E 24 -22.05 14.91 34.00
CA MET E 24 -22.70 16.13 34.43
C MET E 24 -21.75 17.29 34.60
N VAL E 25 -20.45 17.00 34.63
CA VAL E 25 -19.43 17.98 34.94
C VAL E 25 -19.08 18.71 33.65
N THR E 26 -18.94 20.04 33.74
CA THR E 26 -18.55 20.83 32.58
C THR E 26 -17.02 20.84 32.45
N LEU E 27 -16.55 21.30 31.31
CA LEU E 27 -15.12 21.37 31.07
C LEU E 27 -14.45 22.34 32.01
N ASP E 28 -15.09 23.48 32.28
CA ASP E 28 -14.57 24.45 33.25
C ASP E 28 -14.44 23.80 34.61
N GLN E 29 -15.46 23.02 34.97
CA GLN E 29 -15.46 22.34 36.24
C GLN E 29 -14.33 21.33 36.32
N ILE E 30 -13.99 20.71 35.21
CA ILE E 30 -12.87 19.78 35.18
C ILE E 30 -11.59 20.58 35.46
N HIS E 31 -11.49 21.74 34.82
CA HIS E 31 -10.31 22.58 35.02
C HIS E 31 -10.19 23.16 36.42
N GLU E 32 -11.33 23.52 37.04
CA GLU E 32 -11.32 23.93 38.44
C GLU E 32 -10.82 22.79 39.36
N ILE E 33 -11.38 21.59 39.18
CA ILE E 33 -10.94 20.39 39.88
C ILE E 33 -9.43 20.15 39.78
N MET E 34 -8.85 20.47 38.63
CA MET E 34 -7.40 20.39 38.45
C MET E 34 -6.65 21.41 39.32
N GLN E 35 -7.06 22.69 39.27
CA GLN E 35 -6.45 23.74 40.08
C GLN E 35 -6.52 23.35 41.55
N THR E 36 -7.72 23.00 41.99
CA THR E 36 -7.97 22.53 43.34
C THR E 36 -6.97 21.45 43.72
N PHE E 37 -6.79 20.46 42.86
CA PHE E 37 -5.82 19.40 43.15
C PHE E 37 -4.39 19.98 43.30
N VAL E 38 -4.06 20.98 42.47
CA VAL E 38 -2.71 21.57 42.45
C VAL E 38 -2.42 22.32 43.74
N LYS E 39 -3.43 23.05 44.23
CA LYS E 39 -3.30 23.74 45.51
C LYS E 39 -3.28 22.75 46.68
N GLN E 40 -4.32 21.93 46.82
CA GLN E 40 -4.45 20.95 47.92
C GLN E 40 -3.28 19.97 48.06
N GLY E 41 -2.27 20.11 47.22
CA GLY E 41 -1.12 19.23 47.27
C GLY E 41 0.12 20.08 47.25
N ASN E 42 -0.08 21.39 47.15
CA ASN E 42 1.03 22.36 47.11
C ASN E 42 2.02 22.12 45.99
N LEU E 43 1.55 21.43 44.94
CA LEU E 43 2.38 21.06 43.79
C LEU E 43 2.76 22.34 43.07
N ASP E 44 3.97 22.34 42.52
CA ASP E 44 4.57 23.56 42.02
C ASP E 44 4.25 23.74 40.52
N VAL E 45 2.98 23.94 40.22
CA VAL E 45 2.49 23.79 38.85
C VAL E 45 1.54 24.88 38.38
N GLU E 46 1.88 25.55 37.26
CA GLU E 46 0.93 26.47 36.66
C GLU E 46 0.35 25.80 35.41
N LEU E 47 -0.98 25.75 35.35
CA LEU E 47 -1.68 25.10 34.27
C LEU E 47 -2.09 26.09 33.17
N GLU E 48 -1.90 25.73 31.91
CA GLU E 48 -2.53 26.47 30.81
C GLU E 48 -3.56 25.52 30.21
N PHE E 49 -4.82 25.96 30.11
CA PHE E 49 -5.88 25.13 29.51
C PHE E 49 -6.18 25.56 28.09
N PHE E 50 -6.43 24.60 27.22
CA PHE E 50 -6.78 24.88 25.83
C PHE E 50 -7.71 23.84 25.25
N GLN E 51 -8.79 24.30 24.63
CA GLN E 51 -9.77 23.39 24.02
C GLN E 51 -10.01 23.83 22.59
N THR E 52 -10.09 22.86 21.70
CA THR E 52 -10.37 23.16 20.32
C THR E 52 -11.05 21.99 19.64
N ASN E 53 -11.70 22.27 18.52
CA ASN E 53 -12.33 21.27 17.72
C ASN E 53 -11.54 21.04 16.45
N PHE E 54 -10.43 21.75 16.32
CA PHE E 54 -9.56 21.63 15.14
C PHE E 54 -8.36 20.74 15.40
N GLU E 55 -8.23 19.70 14.59
CA GLU E 55 -6.99 18.88 14.56
C GLU E 55 -5.76 19.80 14.46
N GLY E 56 -5.84 20.74 13.52
CA GLY E 56 -4.75 21.67 13.24
C GLY E 56 -4.38 22.50 14.44
N GLU E 57 -5.36 22.91 15.25
CA GLU E 57 -5.05 23.67 16.47
C GLU E 57 -4.37 22.83 17.53
N ILE E 58 -4.79 21.58 17.71
CA ILE E 58 -4.08 20.68 18.61
C ILE E 58 -2.60 20.52 18.19
N ILE E 59 -2.34 20.33 16.90
CA ILE E 59 -0.98 20.19 16.44
C ILE E 59 -0.22 21.49 16.70
N ASP E 60 -0.79 22.62 16.29
CA ASP E 60 -0.17 23.94 16.51
C ASP E 60 0.25 24.06 17.97
N LYS E 61 -0.65 23.74 18.89
CA LYS E 61 -0.37 23.96 20.29
C LYS E 61 0.72 23.02 20.82
N ILE E 62 0.69 21.77 20.43
CA ILE E 62 1.79 20.87 20.78
C ILE E 62 3.12 21.46 20.29
N GLN E 63 3.16 21.93 19.04
CA GLN E 63 4.36 22.51 18.47
C GLN E 63 4.82 23.76 19.22
N GLU E 64 3.89 24.63 19.58
CA GLU E 64 4.22 25.88 20.31
C GLU E 64 4.73 25.62 21.72
N SER E 65 4.47 24.43 22.24
CA SER E 65 5.06 24.01 23.50
C SER E 65 6.56 23.71 23.37
N VAL E 66 7.05 23.45 22.16
CA VAL E 66 8.42 22.92 21.99
C VAL E 66 9.48 23.91 22.44
N GLY E 67 9.56 25.05 21.78
CA GLY E 67 10.51 26.09 22.19
C GLY E 67 10.32 26.63 23.61
N SER E 68 9.12 26.48 24.18
CA SER E 68 8.77 27.19 25.40
C SER E 68 9.21 26.50 26.69
N ASP E 69 8.83 27.14 27.80
CA ASP E 69 9.03 26.71 29.17
C ASP E 69 7.82 25.86 29.63
N TYR E 70 7.27 25.08 28.69
CA TYR E 70 6.25 24.08 29.00
C TYR E 70 6.95 22.75 29.26
N GLU E 71 6.69 22.19 30.44
CA GLU E 71 7.43 21.01 30.91
C GLU E 71 6.83 19.70 30.41
N GLY E 72 5.50 19.69 30.23
CA GLY E 72 4.77 18.50 29.82
C GLY E 72 3.36 18.80 29.33
N ILE E 73 2.74 17.81 28.68
CA ILE E 73 1.36 17.95 28.18
C ILE E 73 0.43 16.86 28.69
N ILE E 74 -0.74 17.27 29.17
CA ILE E 74 -1.83 16.34 29.44
C ILE E 74 -2.86 16.56 28.33
N ILE E 75 -3.29 15.50 27.67
CA ILE E 75 -4.12 15.64 26.47
C ILE E 75 -5.24 14.62 26.38
N ASN E 76 -6.42 15.11 26.05
CA ASN E 76 -7.52 14.25 25.70
C ASN E 76 -7.90 14.63 24.30
N PRO E 77 -7.41 13.87 23.30
CA PRO E 77 -7.64 14.23 21.92
C PRO E 77 -9.08 13.96 21.48
N GLY E 78 -9.91 13.42 22.36
CA GLY E 78 -11.29 13.08 22.00
C GLY E 78 -11.35 12.19 20.77
N ALA E 79 -12.31 12.42 19.89
CA ALA E 79 -12.48 11.51 18.76
C ALA E 79 -11.28 11.44 17.85
N PHE E 80 -10.35 12.39 17.97
CA PHE E 80 -9.17 12.36 17.12
C PHE E 80 -8.20 11.29 17.53
N SER E 81 -8.37 10.75 18.73
CA SER E 81 -7.45 9.77 19.27
C SER E 81 -7.37 8.60 18.34
N HIS E 82 -8.49 8.31 17.70
CA HIS E 82 -8.64 7.06 16.94
C HIS E 82 -8.23 7.24 15.50
N THR E 83 -8.15 8.48 15.05
CA THR E 83 -8.02 8.76 13.64
C THR E 83 -6.75 9.54 13.28
N SER E 84 -6.21 10.30 14.21
CA SER E 84 -5.23 11.32 13.86
C SER E 84 -3.77 10.90 13.97
N ILE E 85 -3.25 10.33 12.88
CA ILE E 85 -1.83 10.06 12.80
C ILE E 85 -1.05 11.38 12.97
N ALA E 86 -1.58 12.46 12.38
CA ALA E 86 -0.95 13.77 12.47
C ALA E 86 -0.69 14.20 13.91
N ILE E 87 -1.69 14.10 14.77
CA ILE E 87 -1.50 14.47 16.16
C ILE E 87 -0.52 13.48 16.82
N ALA E 88 -0.60 12.22 16.44
CA ALA E 88 0.32 11.23 16.99
C ALA E 88 1.74 11.65 16.66
N ASP E 89 2.00 12.06 15.43
CA ASP E 89 3.33 12.53 15.05
C ASP E 89 3.74 13.76 15.86
N ALA E 90 2.86 14.74 15.95
CA ALA E 90 3.14 15.91 16.76
C ALA E 90 3.54 15.48 18.16
N ILE E 91 2.83 14.54 18.77
CA ILE E 91 3.19 14.08 20.12
C ILE E 91 4.58 13.45 20.15
N MET E 92 4.90 12.67 19.15
CA MET E 92 6.22 12.06 19.11
C MET E 92 7.33 13.08 18.97
N LEU E 93 7.08 14.21 18.35
CA LEU E 93 8.13 15.20 18.25
C LEU E 93 8.09 16.27 19.33
N ALA E 94 7.22 16.12 20.33
CA ALA E 94 7.11 17.14 21.39
C ALA E 94 8.33 17.17 22.31
N GLY E 95 9.13 16.09 22.29
CA GLY E 95 10.29 15.93 23.17
C GLY E 95 10.03 16.37 24.61
N LYS E 96 8.89 15.97 25.16
CA LYS E 96 8.59 16.19 26.58
C LYS E 96 7.43 15.24 26.89
N PRO E 97 7.20 14.92 28.17
CA PRO E 97 6.18 13.95 28.54
C PRO E 97 4.77 14.34 28.08
N VAL E 98 4.11 13.42 27.39
CA VAL E 98 2.72 13.63 27.04
C VAL E 98 1.91 12.50 27.66
N ILE E 99 0.84 12.85 28.38
CA ILE E 99 -0.07 11.86 28.97
C ILE E 99 -1.47 11.99 28.37
N GLU E 100 -1.99 10.89 27.88
CA GLU E 100 -3.33 10.90 27.30
C GLU E 100 -4.40 10.53 28.33
N VAL E 101 -5.48 11.32 28.37
CA VAL E 101 -6.60 11.07 29.30
C VAL E 101 -7.88 10.88 28.53
N HIS E 102 -8.70 9.91 28.95
CA HIS E 102 -10.08 9.78 28.49
C HIS E 102 -11.01 9.66 29.68
N LEU E 103 -12.10 10.42 29.62
CA LEU E 103 -13.17 10.28 30.60
C LEU E 103 -13.69 8.85 30.62
N THR E 104 -14.14 8.34 29.47
CA THR E 104 -14.75 7.02 29.39
C THR E 104 -13.70 5.92 29.13
N ASN E 105 -14.05 4.65 29.41
CA ASN E 105 -13.16 3.50 29.08
C ASN E 105 -13.20 3.12 27.59
N ILE E 106 -12.30 3.66 26.77
CA ILE E 106 -12.42 3.48 25.33
C ILE E 106 -12.17 2.04 24.87
N GLN E 107 -11.65 1.21 25.77
CA GLN E 107 -11.63 -0.24 25.57
C GLN E 107 -13.03 -0.85 25.51
N ALA E 108 -13.97 -0.25 26.23
CA ALA E 108 -15.30 -0.84 26.40
C ALA E 108 -16.35 -0.22 25.48
N ARG E 109 -15.93 0.44 24.41
CA ARG E 109 -16.91 1.06 23.50
C ARG E 109 -16.84 0.41 22.11
N GLU E 110 -17.45 1.06 21.10
CA GLU E 110 -17.38 0.56 19.72
C GLU E 110 -15.95 0.22 19.27
N GLU E 111 -15.84 -0.68 18.29
CA GLU E 111 -14.55 -1.12 17.74
C GLU E 111 -13.71 0.06 17.26
N PHE E 112 -14.36 1.00 16.57
CA PHE E 112 -13.67 2.15 16.00
C PHE E 112 -13.05 3.13 17.04
N ARG E 113 -13.40 2.94 18.32
CA ARG E 113 -12.84 3.74 19.44
C ARG E 113 -11.71 3.06 20.25
N LYS E 114 -11.49 1.77 20.04
CA LYS E 114 -10.50 1.02 20.82
C LYS E 114 -9.05 1.42 20.48
N ASN E 115 -8.78 1.55 19.17
CA ASN E 115 -7.51 2.08 18.67
C ASN E 115 -7.29 3.51 19.14
N SER E 116 -6.09 3.80 19.65
CA SER E 116 -5.68 5.20 19.88
C SER E 116 -4.28 5.51 19.30
N TYR E 117 -4.22 6.06 18.09
CA TYR E 117 -2.95 6.43 17.50
C TYR E 117 -2.19 7.32 18.44
N THR E 118 -2.88 8.36 18.93
CA THR E 118 -2.30 9.36 19.82
C THR E 118 -1.82 8.71 21.13
N GLY E 119 -2.61 7.79 21.65
CA GLY E 119 -2.24 7.11 22.88
C GLY E 119 -0.97 6.28 22.76
N ALA E 120 -0.75 5.71 21.58
CA ALA E 120 0.44 4.90 21.36
C ALA E 120 1.68 5.81 21.34
N ALA E 121 1.52 7.05 20.91
CA ALA E 121 2.61 8.02 20.90
C ALA E 121 2.89 8.62 22.27
N CYS E 122 1.93 8.55 23.20
CA CYS E 122 2.14 9.08 24.55
C CYS E 122 2.91 8.13 25.45
N GLY E 123 3.50 8.68 26.50
CA GLY E 123 4.17 7.85 27.50
C GLY E 123 3.17 6.90 28.17
N GLY E 124 1.96 7.40 28.40
CA GLY E 124 1.00 6.67 29.20
C GLY E 124 -0.40 7.12 28.91
N VAL E 125 -1.36 6.28 29.30
CA VAL E 125 -2.74 6.52 28.93
C VAL E 125 -3.60 6.19 30.15
N ILE E 126 -4.58 7.06 30.37
CA ILE E 126 -5.50 6.90 31.47
C ILE E 126 -6.90 6.96 30.88
N MET E 127 -7.69 5.95 31.17
CA MET E 127 -9.02 5.96 30.66
C MET E 127 -10.05 5.45 31.68
N GLY E 128 -11.21 6.09 31.64
CA GLY E 128 -12.39 5.56 32.26
C GLY E 128 -12.61 6.00 33.68
N PHE E 129 -11.95 7.08 34.11
CA PHE E 129 -12.10 7.51 35.51
C PHE E 129 -12.87 8.80 35.62
N GLY E 130 -13.57 9.18 34.55
CA GLY E 130 -14.24 10.47 34.52
C GLY E 130 -13.22 11.59 34.75
N PRO E 131 -13.67 12.76 35.28
CA PRO E 131 -12.78 13.92 35.50
C PRO E 131 -11.57 13.61 36.39
N LEU E 132 -11.74 12.65 37.30
CA LEU E 132 -10.69 12.27 38.20
C LEU E 132 -9.43 11.88 37.44
N GLY E 133 -9.61 11.33 36.23
CA GLY E 133 -8.51 10.93 35.37
C GLY E 133 -7.50 12.03 35.15
N TYR E 134 -7.98 13.26 35.05
CA TYR E 134 -7.09 14.40 34.82
C TYR E 134 -6.13 14.65 36.00
N ASN E 135 -6.66 14.51 37.21
CA ASN E 135 -5.85 14.66 38.43
C ASN E 135 -4.82 13.54 38.50
N MET E 136 -5.23 12.34 38.10
CA MET E 136 -4.32 11.22 38.06
C MET E 136 -3.21 11.58 37.10
N ALA E 137 -3.56 12.28 36.00
CA ALA E 137 -2.55 12.66 35.00
C ALA E 137 -1.59 13.63 35.64
N LEU E 138 -2.14 14.61 36.35
CA LEU E 138 -1.34 15.57 37.12
C LEU E 138 -0.39 14.87 38.07
N MET E 139 -0.91 13.99 38.92
CA MET E 139 -0.02 13.28 39.82
C MET E 139 1.14 12.70 39.04
N ALA E 140 0.82 11.99 37.96
CA ALA E 140 1.84 11.24 37.23
C ALA E 140 2.82 12.19 36.62
N MET E 141 2.29 13.28 36.08
CA MET E 141 3.13 14.29 35.43
C MET E 141 4.19 14.86 36.39
N VAL E 142 3.72 15.28 37.57
CA VAL E 142 4.59 15.77 38.63
C VAL E 142 5.64 14.74 38.98
N ASN E 143 5.26 13.47 39.07
CA ASN E 143 6.22 12.44 39.40
C ASN E 143 7.21 12.19 38.28
N ILE E 144 6.74 12.29 37.05
CA ILE E 144 7.57 11.99 35.90
C ILE E 144 8.61 13.11 35.81
N LEU E 145 8.16 14.34 36.05
CA LEU E 145 9.03 15.51 36.01
C LEU E 145 10.03 15.48 37.17
N ALA E 146 9.54 15.24 38.39
CA ALA E 146 10.40 15.01 39.56
C ALA E 146 11.54 14.05 39.25
N GLU E 147 11.20 12.94 38.61
CA GLU E 147 12.18 11.89 38.36
C GLU E 147 13.14 12.24 37.24
N MET E 148 12.68 13.05 36.29
CA MET E 148 13.55 13.52 35.19
C MET E 148 14.64 14.46 35.70
N LYS E 149 14.26 15.34 36.63
CA LYS E 149 15.16 16.36 37.19
C LYS E 149 16.01 15.80 38.32
N ALA E 150 15.49 14.80 39.02
CA ALA E 150 16.26 14.08 40.05
C ALA E 150 17.52 13.53 39.38
N PHE E 151 17.33 12.82 38.28
CA PHE E 151 18.40 12.20 37.52
C PHE E 151 19.44 13.19 36.95
N GLN E 152 18.97 14.35 36.49
CA GLN E 152 19.86 15.47 36.12
C GLN E 152 21.03 15.66 37.13
N GLU E 153 20.71 15.92 38.40
CA GLU E 153 21.69 16.15 39.49
C GLU E 153 22.63 14.97 39.74
N MET F 1 -3.46 -23.45 -39.05
CA MET F 1 -4.03 -22.79 -37.82
C MET F 1 -3.43 -23.39 -36.55
N LYS F 2 -2.45 -22.69 -36.00
CA LYS F 2 -1.64 -23.15 -34.87
C LYS F 2 -2.16 -22.74 -33.49
N ILE F 3 -2.36 -23.72 -32.62
CA ILE F 3 -2.72 -23.52 -31.21
C ILE F 3 -1.57 -23.95 -30.31
N LEU F 4 -1.16 -23.05 -29.43
CA LEU F 4 -0.12 -23.33 -28.45
C LEU F 4 -0.74 -23.81 -27.14
N VAL F 5 -0.33 -25.00 -26.71
CA VAL F 5 -0.81 -25.56 -25.45
C VAL F 5 0.32 -25.48 -24.42
N ILE F 6 0.09 -24.67 -23.37
CA ILE F 6 1.08 -24.47 -22.33
C ILE F 6 0.66 -25.15 -21.04
N GLN F 7 1.55 -26.00 -20.53
CA GLN F 7 1.29 -26.77 -19.32
C GLN F 7 2.24 -26.34 -18.23
N GLY F 8 1.70 -25.89 -17.11
CA GLY F 8 2.51 -25.32 -16.04
C GLY F 8 3.15 -26.33 -15.11
N PRO F 9 3.69 -25.85 -13.98
CA PRO F 9 4.52 -26.68 -13.12
C PRO F 9 3.83 -27.96 -12.65
N ASN F 10 4.61 -29.05 -12.56
CA ASN F 10 4.15 -30.32 -12.00
C ASN F 10 3.23 -31.14 -12.86
N LEU F 11 2.69 -30.55 -13.93
CA LEU F 11 1.78 -31.31 -14.78
C LEU F 11 2.48 -32.45 -15.53
N ASN F 12 3.78 -32.34 -15.75
CA ASN F 12 4.55 -33.44 -16.32
C ASN F 12 4.60 -34.66 -15.38
N MET F 13 4.26 -34.49 -14.12
CA MET F 13 4.29 -35.61 -13.20
C MET F 13 2.99 -36.38 -13.20
N LEU F 14 2.04 -35.92 -14.01
CA LEU F 14 0.73 -36.53 -14.02
C LEU F 14 0.76 -38.03 -14.23
N GLY F 15 -0.12 -38.73 -13.52
CA GLY F 15 -0.46 -40.12 -13.81
C GLY F 15 0.60 -41.14 -13.44
N HIS F 16 1.88 -40.79 -13.68
CA HIS F 16 3.06 -41.66 -13.41
C HIS F 16 3.11 -42.26 -12.01
N ARG F 17 2.64 -41.48 -11.03
CA ARG F 17 2.56 -41.93 -9.62
C ARG F 17 1.14 -42.41 -9.18
N ASP F 18 0.16 -42.29 -10.11
CA ASP F 18 -1.32 -42.30 -9.87
C ASP F 18 -1.84 -41.48 -8.63
N PRO F 19 -1.25 -40.27 -8.40
CA PRO F 19 -1.38 -39.58 -7.09
C PRO F 19 -2.80 -39.02 -6.79
N ARG F 20 -3.81 -39.85 -7.09
CA ARG F 20 -5.22 -39.73 -6.63
C ARG F 20 -6.05 -38.57 -7.20
N LEU F 21 -5.71 -37.34 -6.79
CA LEU F 21 -6.50 -36.09 -7.05
C LEU F 21 -6.67 -35.75 -8.56
N TYR F 22 -5.57 -35.87 -9.30
CA TYR F 22 -5.46 -35.45 -10.70
C TYR F 22 -5.72 -36.61 -11.67
N GLY F 23 -5.50 -37.85 -11.21
CA GLY F 23 -5.82 -39.06 -11.98
C GLY F 23 -4.69 -39.96 -12.47
N MET F 24 -5.01 -40.72 -13.53
CA MET F 24 -4.20 -41.84 -14.04
C MET F 24 -3.55 -41.54 -15.37
N VAL F 25 -4.04 -40.51 -16.04
CA VAL F 25 -3.65 -40.18 -17.37
C VAL F 25 -2.37 -39.37 -17.32
N THR F 26 -1.40 -39.71 -18.17
CA THR F 26 -0.16 -38.92 -18.24
C THR F 26 -0.32 -37.67 -19.11
N LEU F 27 0.65 -36.77 -19.03
CA LEU F 27 0.59 -35.55 -19.81
C LEU F 27 0.64 -35.85 -21.30
N ASP F 28 1.47 -36.83 -21.68
CA ASP F 28 1.56 -37.26 -23.09
C ASP F 28 0.22 -37.76 -23.56
N GLN F 29 -0.42 -38.57 -22.70
CA GLN F 29 -1.72 -39.11 -23.00
C GLN F 29 -2.76 -38.03 -23.18
N ILE F 30 -2.67 -36.97 -22.39
CA ILE F 30 -3.58 -35.83 -22.55
C ILE F 30 -3.36 -35.23 -23.93
N HIS F 31 -2.09 -35.05 -24.29
CA HIS F 31 -1.76 -34.51 -25.59
C HIS F 31 -2.18 -35.40 -26.78
N GLU F 32 -2.13 -36.72 -26.60
CA GLU F 32 -2.59 -37.61 -27.64
C GLU F 32 -4.10 -37.47 -27.80
N ILE F 33 -4.80 -37.46 -26.67
CA ILE F 33 -6.25 -37.21 -26.65
C ILE F 33 -6.62 -35.94 -27.40
N MET F 34 -5.78 -34.92 -27.30
CA MET F 34 -6.02 -33.69 -28.03
C MET F 34 -5.90 -33.88 -29.52
N GLN F 35 -4.82 -34.52 -29.98
CA GLN F 35 -4.60 -34.82 -31.41
C GLN F 35 -5.79 -35.61 -31.97
N THR F 36 -6.13 -36.68 -31.24
CA THR F 36 -7.24 -37.53 -31.58
C THR F 36 -8.48 -36.68 -31.83
N PHE F 37 -8.80 -35.81 -30.89
CA PHE F 37 -9.96 -34.95 -31.04
C PHE F 37 -9.85 -34.09 -32.32
N VAL F 38 -8.64 -33.63 -32.64
CA VAL F 38 -8.40 -32.75 -33.79
C VAL F 38 -8.67 -33.50 -35.10
N LYS F 39 -8.20 -34.75 -35.17
CA LYS F 39 -8.45 -35.59 -36.33
C LYS F 39 -9.93 -35.99 -36.41
N GLN F 40 -10.46 -36.61 -35.35
CA GLN F 40 -11.87 -37.06 -35.33
C GLN F 40 -12.92 -35.97 -35.58
N GLY F 41 -12.49 -34.76 -35.82
CA GLY F 41 -13.42 -33.68 -36.09
C GLY F 41 -12.97 -32.96 -37.33
N ASN F 42 -11.84 -33.38 -37.87
CA ASN F 42 -11.27 -32.79 -39.08
C ASN F 42 -10.98 -31.32 -38.94
N LEU F 43 -10.79 -30.90 -37.70
CA LEU F 43 -10.53 -29.50 -37.37
C LEU F 43 -9.18 -29.13 -37.96
N ASP F 44 -9.08 -27.89 -38.40
CA ASP F 44 -7.94 -27.43 -39.17
C ASP F 44 -6.85 -26.84 -38.24
N VAL F 45 -6.25 -27.69 -37.42
CA VAL F 45 -5.44 -27.22 -36.32
C VAL F 45 -4.15 -28.00 -36.11
N GLU F 46 -3.02 -27.31 -36.10
CA GLU F 46 -1.75 -27.94 -35.69
C GLU F 46 -1.44 -27.50 -34.27
N LEU F 47 -1.24 -28.46 -33.37
CA LEU F 47 -0.92 -28.14 -31.97
C LEU F 47 0.59 -28.10 -31.71
N GLU F 48 1.06 -27.11 -30.94
CA GLU F 48 2.42 -27.18 -30.39
C GLU F 48 2.22 -27.35 -28.87
N PHE F 49 2.89 -28.35 -28.29
CA PHE F 49 2.76 -28.57 -26.85
C PHE F 49 3.98 -28.07 -26.12
N PHE F 50 3.78 -27.48 -24.94
CA PHE F 50 4.90 -27.02 -24.13
C PHE F 50 4.62 -27.15 -22.64
N GLN F 51 5.53 -27.80 -21.91
CA GLN F 51 5.41 -27.94 -20.46
C GLN F 51 6.66 -27.38 -19.76
N THR F 52 6.45 -26.66 -18.67
CA THR F 52 7.57 -26.13 -17.94
C THR F 52 7.19 -25.94 -16.49
N ASN F 53 8.22 -25.88 -15.66
CA ASN F 53 8.06 -25.60 -14.26
C ASN F 53 8.50 -24.16 -13.92
N PHE F 54 8.91 -23.41 -14.94
CA PHE F 54 9.40 -22.06 -14.73
C PHE F 54 8.35 -21.04 -15.11
N GLU F 55 8.00 -20.17 -14.17
CA GLU F 55 7.13 -19.05 -14.44
C GLU F 55 7.66 -18.28 -15.66
N GLY F 56 8.97 -18.06 -15.69
CA GLY F 56 9.59 -17.28 -16.77
C GLY F 56 9.50 -17.93 -18.14
N GLU F 57 9.55 -19.25 -18.19
CA GLU F 57 9.35 -19.93 -19.45
C GLU F 57 7.92 -19.80 -19.95
N ILE F 58 6.93 -19.89 -19.07
CA ILE F 58 5.54 -19.63 -19.48
C ILE F 58 5.40 -18.22 -20.10
N ILE F 59 5.96 -17.21 -19.45
CA ILE F 59 5.89 -15.85 -19.97
C ILE F 59 6.63 -15.74 -21.29
N ASP F 60 7.86 -16.27 -21.36
CA ASP F 60 8.65 -16.28 -22.60
C ASP F 60 7.79 -16.81 -23.74
N LYS F 61 7.16 -17.97 -23.53
CA LYS F 61 6.44 -18.65 -24.58
C LYS F 61 5.23 -17.82 -25.00
N ILE F 62 4.47 -17.29 -24.03
CA ILE F 62 3.34 -16.45 -24.37
C ILE F 62 3.83 -15.30 -25.25
N GLN F 63 4.97 -14.72 -24.90
CA GLN F 63 5.53 -13.61 -25.66
C GLN F 63 5.97 -14.02 -27.07
N GLU F 64 6.61 -15.18 -27.19
CA GLU F 64 7.08 -15.67 -28.48
C GLU F 64 5.91 -16.00 -29.41
N SER F 65 4.72 -16.16 -28.85
CA SER F 65 3.53 -16.38 -29.66
C SER F 65 3.06 -15.12 -30.37
N VAL F 66 3.49 -13.95 -29.88
CA VAL F 66 2.95 -12.64 -30.34
C VAL F 66 3.28 -12.33 -31.80
N GLY F 67 4.56 -12.23 -32.12
CA GLY F 67 5.00 -12.08 -33.50
C GLY F 67 4.60 -13.21 -34.46
N SER F 68 4.34 -14.41 -33.93
CA SER F 68 4.22 -15.57 -34.80
C SER F 68 2.82 -15.80 -35.36
N ASP F 69 2.72 -16.92 -36.07
CA ASP F 69 1.51 -17.43 -36.69
C ASP F 69 0.81 -18.39 -35.72
N TYR F 70 0.85 -18.05 -34.44
CA TYR F 70 0.05 -18.71 -33.44
C TYR F 70 -1.26 -17.98 -33.28
N GLU F 71 -2.36 -18.70 -33.44
CA GLU F 71 -3.67 -18.08 -33.49
C GLU F 71 -4.31 -17.90 -32.09
N GLY F 72 -3.99 -18.81 -31.16
CA GLY F 72 -4.56 -18.86 -29.81
C GLY F 72 -3.77 -19.72 -28.83
N ILE F 73 -4.00 -19.54 -27.54
CA ILE F 73 -3.33 -20.32 -26.52
C ILE F 73 -4.31 -21.03 -25.60
N ILE F 74 -4.05 -22.30 -25.34
CA ILE F 74 -4.77 -23.03 -24.30
C ILE F 74 -3.77 -23.28 -23.20
N ILE F 75 -4.09 -22.88 -21.96
CA ILE F 75 -3.11 -22.88 -20.89
C ILE F 75 -3.64 -23.40 -19.58
N ASN F 76 -2.85 -24.25 -18.96
CA ASN F 76 -3.12 -24.64 -17.60
C ASN F 76 -1.91 -24.22 -16.81
N PRO F 77 -1.99 -23.06 -16.12
CA PRO F 77 -0.82 -22.53 -15.45
C PRO F 77 -0.50 -23.28 -14.19
N GLY F 78 -1.31 -24.26 -13.79
CA GLY F 78 -1.08 -24.99 -12.55
C GLY F 78 -1.05 -24.06 -11.33
N ALA F 79 -0.20 -24.37 -10.36
CA ALA F 79 -0.16 -23.60 -9.14
C ALA F 79 0.13 -22.12 -9.37
N PHE F 80 0.66 -21.75 -10.53
CA PHE F 80 0.92 -20.34 -10.81
C PHE F 80 -0.36 -19.56 -11.06
N SER F 81 -1.44 -20.27 -11.34
CA SER F 81 -2.69 -19.61 -11.60
C SER F 81 -3.01 -18.67 -10.45
N HIS F 82 -2.69 -19.11 -9.24
CA HIS F 82 -3.17 -18.44 -8.05
C HIS F 82 -2.26 -17.32 -7.64
N THR F 83 -1.03 -17.35 -8.14
CA THR F 83 -0.02 -16.49 -7.57
C THR F 83 0.55 -15.53 -8.62
N SER F 84 0.50 -15.90 -9.90
CA SER F 84 1.33 -15.20 -10.88
C SER F 84 0.66 -14.03 -11.57
N ILE F 85 0.82 -12.84 -11.02
CA ILE F 85 0.40 -11.62 -11.70
C ILE F 85 1.20 -11.45 -12.99
N ALA F 86 2.48 -11.81 -12.95
CA ALA F 86 3.32 -11.74 -14.15
C ALA F 86 2.75 -12.52 -15.34
N ILE F 87 2.35 -13.77 -15.15
CA ILE F 87 1.74 -14.52 -16.25
C ILE F 87 0.43 -13.85 -16.63
N ALA F 88 -0.31 -13.35 -15.64
CA ALA F 88 -1.57 -12.71 -15.93
C ALA F 88 -1.33 -11.55 -16.88
N ASP F 89 -0.30 -10.74 -16.61
CA ASP F 89 0.04 -9.62 -17.51
C ASP F 89 0.42 -10.09 -18.92
N ALA F 90 1.28 -11.11 -18.99
CA ALA F 90 1.66 -11.69 -20.26
C ALA F 90 0.42 -12.12 -21.03
N ILE F 91 -0.57 -12.74 -20.37
CA ILE F 91 -1.83 -13.13 -21.03
C ILE F 91 -2.62 -11.92 -21.55
N MET F 92 -2.65 -10.86 -20.78
CA MET F 92 -3.32 -9.68 -21.23
C MET F 92 -2.66 -9.03 -22.42
N LEU F 93 -1.36 -9.18 -22.60
CA LEU F 93 -0.71 -8.57 -23.75
C LEU F 93 -0.54 -9.51 -24.94
N ALA F 94 -1.07 -10.73 -24.86
CA ALA F 94 -0.86 -11.70 -25.93
C ALA F 94 -1.61 -11.31 -27.19
N GLY F 95 -2.60 -10.43 -27.04
CA GLY F 95 -3.48 -10.02 -28.14
C GLY F 95 -3.99 -11.16 -29.02
N LYS F 96 -4.41 -12.25 -28.39
CA LYS F 96 -5.01 -13.39 -29.07
C LYS F 96 -5.69 -14.26 -28.02
N PRO F 97 -6.65 -15.11 -28.42
CA PRO F 97 -7.49 -15.80 -27.43
C PRO F 97 -6.68 -16.68 -26.50
N VAL F 98 -6.89 -16.52 -25.21
CA VAL F 98 -6.27 -17.45 -24.30
C VAL F 98 -7.36 -18.11 -23.47
N ILE F 99 -7.34 -19.44 -23.42
CA ILE F 99 -8.28 -20.20 -22.61
C ILE F 99 -7.58 -20.96 -21.50
N GLU F 100 -8.06 -20.80 -20.26
CA GLU F 100 -7.43 -21.45 -19.13
C GLU F 100 -8.16 -22.73 -18.77
N VAL F 101 -7.40 -23.82 -18.59
CA VAL F 101 -7.96 -25.13 -18.27
C VAL F 101 -7.42 -25.59 -16.94
N HIS F 102 -8.27 -26.22 -16.13
CA HIS F 102 -7.85 -26.97 -14.94
C HIS F 102 -8.48 -28.36 -14.90
N LEU F 103 -7.63 -29.35 -14.67
CA LEU F 103 -8.11 -30.70 -14.46
C LEU F 103 -9.12 -30.72 -13.33
N THR F 104 -8.74 -30.20 -12.17
CA THR F 104 -9.61 -30.26 -11.00
C THR F 104 -10.48 -29.01 -10.86
N ASN F 105 -11.58 -29.09 -10.11
CA ASN F 105 -12.44 -27.91 -9.84
C ASN F 105 -11.81 -27.00 -8.76
N ILE F 106 -11.05 -26.00 -9.18
CA ILE F 106 -10.31 -25.20 -8.21
C ILE F 106 -11.19 -24.38 -7.27
N GLN F 107 -12.48 -24.27 -7.60
CA GLN F 107 -13.48 -23.72 -6.67
C GLN F 107 -13.67 -24.58 -5.43
N ALA F 108 -13.48 -25.88 -5.59
CA ALA F 108 -13.82 -26.83 -4.56
C ALA F 108 -12.61 -27.30 -3.77
N ARG F 109 -11.53 -26.54 -3.78
CA ARG F 109 -10.32 -26.96 -3.04
C ARG F 109 -10.00 -25.93 -1.95
N GLU F 110 -8.79 -25.95 -1.42
CA GLU F 110 -8.32 -24.93 -0.45
C GLU F 110 -8.57 -23.48 -0.87
N GLU F 111 -8.70 -22.59 0.12
CA GLU F 111 -8.95 -21.19 -0.14
C GLU F 111 -7.87 -20.60 -1.08
N PHE F 112 -6.61 -20.96 -0.85
CA PHE F 112 -5.51 -20.39 -1.62
C PHE F 112 -5.50 -20.76 -3.12
N ARG F 113 -6.37 -21.69 -3.52
CA ARG F 113 -6.51 -22.14 -4.92
C ARG F 113 -7.74 -21.61 -5.65
N LYS F 114 -8.65 -20.93 -4.93
CA LYS F 114 -9.87 -20.43 -5.54
C LYS F 114 -9.62 -19.23 -6.47
N ASN F 115 -8.75 -18.33 -6.04
CA ASN F 115 -8.28 -17.18 -6.84
C ASN F 115 -7.51 -17.70 -8.06
N SER F 116 -7.78 -17.13 -9.24
CA SER F 116 -6.89 -17.35 -10.37
C SER F 116 -6.62 -16.03 -11.07
N TYR F 117 -5.42 -15.47 -10.84
CA TYR F 117 -5.01 -14.25 -11.50
C TYR F 117 -5.03 -14.40 -12.98
N THR F 118 -4.38 -15.49 -13.42
CA THR F 118 -4.26 -15.83 -14.83
C THR F 118 -5.62 -16.02 -15.48
N GLY F 119 -6.54 -16.70 -14.78
CA GLY F 119 -7.86 -16.97 -15.33
C GLY F 119 -8.68 -15.72 -15.53
N ALA F 120 -8.46 -14.72 -14.70
CA ALA F 120 -9.18 -13.45 -14.87
C ALA F 120 -8.69 -12.72 -16.12
N ALA F 121 -7.44 -12.98 -16.51
CA ALA F 121 -6.87 -12.38 -17.70
C ALA F 121 -7.29 -13.15 -18.94
N CYS F 122 -7.73 -14.38 -18.80
CA CYS F 122 -8.16 -15.15 -19.97
C CYS F 122 -9.57 -14.79 -20.38
N GLY F 123 -9.91 -15.11 -21.61
CA GLY F 123 -11.27 -14.96 -22.06
C GLY F 123 -12.21 -15.89 -21.34
N GLY F 124 -11.77 -17.09 -21.04
CA GLY F 124 -12.66 -18.06 -20.44
C GLY F 124 -11.85 -19.08 -19.68
N VAL F 125 -12.56 -19.81 -18.83
CA VAL F 125 -11.92 -20.73 -17.92
C VAL F 125 -12.74 -22.01 -17.89
N ILE F 126 -12.05 -23.12 -17.88
CA ILE F 126 -12.69 -24.42 -17.81
C ILE F 126 -12.04 -25.16 -16.66
N MET F 127 -12.86 -25.63 -15.73
CA MET F 127 -12.31 -26.36 -14.63
C MET F 127 -13.12 -27.57 -14.23
N GLY F 128 -12.39 -28.62 -13.85
CA GLY F 128 -12.95 -29.75 -13.14
C GLY F 128 -13.43 -30.89 -14.02
N PHE F 129 -12.94 -30.98 -15.25
CA PHE F 129 -13.44 -32.00 -16.15
C PHE F 129 -12.38 -33.03 -16.48
N GLY F 130 -11.32 -33.06 -15.71
CA GLY F 130 -10.20 -33.93 -16.06
C GLY F 130 -9.64 -33.56 -17.42
N PRO F 131 -8.95 -34.51 -18.10
CA PRO F 131 -8.33 -34.23 -19.41
C PRO F 131 -9.33 -33.72 -20.45
N LEU F 132 -10.58 -34.14 -20.32
CA LEU F 132 -11.64 -33.76 -21.24
C LEU F 132 -11.70 -32.25 -21.38
N GLY F 133 -11.40 -31.54 -20.29
CA GLY F 133 -11.39 -30.08 -20.28
C GLY F 133 -10.56 -29.49 -21.41
N TYR F 134 -9.44 -30.15 -21.74
CA TYR F 134 -8.61 -29.69 -22.84
C TYR F 134 -9.29 -29.76 -24.22
N ASN F 135 -10.09 -30.80 -24.45
CA ASN F 135 -10.81 -30.90 -25.72
C ASN F 135 -11.90 -29.87 -25.78
N MET F 136 -12.51 -29.60 -24.63
CA MET F 136 -13.51 -28.55 -24.54
C MET F 136 -12.84 -27.21 -24.92
N ALA F 137 -11.59 -27.05 -24.49
CA ALA F 137 -10.87 -25.83 -24.79
C ALA F 137 -10.61 -25.74 -26.29
N LEU F 138 -10.21 -26.86 -26.90
CA LEU F 138 -10.08 -26.95 -28.36
C LEU F 138 -11.38 -26.64 -29.08
N MET F 139 -12.48 -27.28 -28.69
CA MET F 139 -13.74 -26.94 -29.31
C MET F 139 -13.97 -25.41 -29.26
N ALA F 140 -13.84 -24.82 -28.08
CA ALA F 140 -14.16 -23.41 -27.92
C ALA F 140 -13.22 -22.55 -28.73
N MET F 141 -11.94 -22.93 -28.76
CA MET F 141 -10.90 -22.20 -29.48
C MET F 141 -11.22 -22.13 -30.96
N VAL F 142 -11.53 -23.28 -31.53
CA VAL F 142 -11.95 -23.36 -32.91
C VAL F 142 -13.15 -22.47 -33.21
N ASN F 143 -14.11 -22.43 -32.31
CA ASN F 143 -15.28 -21.58 -32.50
C ASN F 143 -14.98 -20.13 -32.35
N ILE F 144 -14.05 -19.82 -31.44
CA ILE F 144 -13.67 -18.47 -31.17
C ILE F 144 -12.93 -17.91 -32.37
N LEU F 145 -12.06 -18.73 -32.93
CA LEU F 145 -11.32 -18.33 -34.11
C LEU F 145 -12.24 -18.22 -35.34
N ALA F 146 -13.07 -19.25 -35.58
CA ALA F 146 -14.09 -19.20 -36.61
C ALA F 146 -14.85 -17.88 -36.56
N GLU F 147 -15.22 -17.43 -35.37
CA GLU F 147 -16.08 -16.27 -35.25
C GLU F 147 -15.31 -15.00 -35.44
N MET F 148 -14.01 -15.03 -35.13
CA MET F 148 -13.14 -13.88 -35.33
C MET F 148 -12.90 -13.56 -36.78
N LYS F 149 -12.75 -14.62 -37.58
CA LYS F 149 -12.49 -14.52 -39.01
C LYS F 149 -13.75 -14.37 -39.85
N ALA F 150 -14.87 -14.89 -39.35
CA ALA F 150 -16.17 -14.75 -40.01
C ALA F 150 -16.43 -13.27 -40.16
N PHE F 151 -16.30 -12.58 -39.02
CA PHE F 151 -16.53 -11.13 -38.91
C PHE F 151 -15.62 -10.30 -39.86
N GLN F 152 -14.36 -10.71 -39.94
CA GLN F 152 -13.41 -10.11 -40.87
C GLN F 152 -14.10 -9.83 -42.23
N GLU F 153 -14.56 -10.93 -42.83
CA GLU F 153 -15.20 -10.91 -44.16
C GLU F 153 -16.45 -10.01 -44.24
#